data_9L7A
#
_entry.id   9L7A
#
_cell.length_a   58.397
_cell.length_b   106.327
_cell.length_c   94.103
_cell.angle_alpha   90.00
_cell.angle_beta   107.72
_cell.angle_gamma   90.00
#
_symmetry.space_group_name_H-M   'P 1 21 1'
#
loop_
_entity.id
_entity.type
_entity.pdbx_description
1 polymer Beta-lactamase
2 non-polymer '(3~{R})-3-[(3~{R})-4-fluoranyl-1-oxidanyl-3~{H}-2,1-benzoxaborol-3-yl]-2-methylidene-butanoic acid'
3 water water
#
_entity_poly.entity_id   1
_entity_poly.type   'polypeptide(L)'
_entity_poly.pdbx_seq_one_letter_code
;EWQENKSWNAHFTEHKSQGVVVLWNENKQQGFTNNLKRANQAFLPASTF(KCX)IPNSLIALDLGVVKDEHQVFKWDGQT
RDIATWNRDHNLITAMKYSVVPVYQEFARQIGEARMSKMLHAFDYGNEDISGNVDSFWLDGGIRISATEQISFLRKLYHN
KLHVSERSQRIVKQAMLTEANGDYIIRAKTGYSTRIEPKIGWWVGWVELDDNVWFFAMNMDMPTSDGLGLRQAITKEVLK
QEKIIP
;
_entity_poly.pdbx_strand_id   A,B,C,D
#
loop_
_chem_comp.id
_chem_comp.type
_chem_comp.name
_chem_comp.formula
A1EKC non-polymer '(3~{R})-3-[(3~{R})-4-fluoranyl-1-oxidanyl-3~{H}-2,1-benzoxaborol-3-yl]-2-methylidene-butanoic acid' 'C12 H12 B F O4'
#
# COMPACT_ATOMS: atom_id res chain seq x y z
N GLU A 1 27.85 22.32 -12.29
CA GLU A 1 26.60 22.89 -11.77
C GLU A 1 26.42 22.65 -10.27
N TRP A 2 26.96 21.52 -9.80
CA TRP A 2 27.05 21.25 -8.37
C TRP A 2 28.50 21.01 -8.03
N GLN A 3 28.91 21.57 -6.90
CA GLN A 3 30.25 21.40 -6.39
C GLN A 3 30.12 20.88 -4.97
N GLU A 4 30.96 19.91 -4.60
CA GLU A 4 31.08 19.52 -3.21
C GLU A 4 32.27 20.27 -2.63
N ASN A 5 32.07 20.81 -1.44
CA ASN A 5 33.07 21.55 -0.67
C ASN A 5 33.08 20.92 0.70
N LYS A 6 33.92 19.88 0.87
CA LYS A 6 33.99 19.19 2.16
C LYS A 6 34.60 20.04 3.27
N SER A 7 35.31 21.13 2.91
CA SER A 7 35.87 21.99 3.95
C SER A 7 34.81 22.52 4.91
N TRP A 8 33.55 22.59 4.49
CA TRP A 8 32.52 23.08 5.40
C TRP A 8 32.26 22.10 6.53
N ASN A 9 32.71 20.84 6.41
CA ASN A 9 32.49 19.89 7.48
C ASN A 9 33.05 20.36 8.85
N ALA A 10 33.86 21.44 8.91
CA ALA A 10 34.71 21.76 10.06
C ALA A 10 33.90 22.53 10.97
N HIS A 11 33.00 23.29 10.32
CA HIS A 11 31.98 24.00 11.05
C HIS A 11 31.08 23.01 11.76
N PHE A 12 30.72 21.91 11.09
CA PHE A 12 29.95 20.87 11.75
C PHE A 12 30.77 20.18 12.84
N THR A 13 31.99 19.75 12.50
CA THR A 13 32.80 19.00 13.48
C THR A 13 33.15 19.84 14.70
N GLU A 14 33.34 21.15 14.54
CA GLU A 14 33.75 21.92 15.70
C GLU A 14 32.64 22.03 16.73
N HIS A 15 31.41 21.67 16.36
CA HIS A 15 30.28 21.62 17.29
C HIS A 15 29.80 20.19 17.54
N LYS A 16 30.65 19.20 17.33
CA LYS A 16 30.31 17.79 17.49
C LYS A 16 28.98 17.45 16.80
N SER A 17 28.80 17.98 15.59
CA SER A 17 27.55 17.85 14.86
C SER A 17 27.80 17.23 13.49
N GLN A 18 26.70 16.84 12.86
CA GLN A 18 26.71 16.28 11.52
C GLN A 18 25.54 16.87 10.75
N GLY A 19 25.76 17.21 9.49
CA GLY A 19 24.67 17.76 8.71
C GLY A 19 25.13 18.22 7.34
N VAL A 20 24.25 18.97 6.67
CA VAL A 20 24.52 19.45 5.32
C VAL A 20 24.10 20.89 5.21
N VAL A 21 24.90 21.68 4.52
CA VAL A 21 24.50 23.00 4.04
C VAL A 21 24.51 22.96 2.52
N VAL A 22 23.46 23.53 1.91
CA VAL A 22 23.38 23.66 0.46
C VAL A 22 23.20 25.13 0.15
N LEU A 23 24.00 25.62 -0.78
CA LEU A 23 23.94 27.00 -1.26
C LEU A 23 23.67 27.00 -2.75
N TRP A 24 22.92 28.00 -3.21
CA TRP A 24 22.63 28.21 -4.62
C TRP A 24 22.88 29.67 -4.99
N ASN A 25 23.80 29.90 -5.92
CA ASN A 25 24.15 31.22 -6.42
C ASN A 25 23.18 31.51 -7.55
N GLU A 26 22.23 32.42 -7.32
CA GLU A 26 21.21 32.65 -8.31
C GLU A 26 21.79 33.20 -9.61
N ASN A 27 22.70 34.17 -9.52
CA ASN A 27 23.25 34.78 -10.73
C ASN A 27 23.96 33.74 -11.58
N LYS A 28 24.74 32.89 -10.96
CA LYS A 28 25.56 31.94 -11.69
C LYS A 28 24.87 30.61 -11.93
N GLN A 29 23.72 30.37 -11.31
CA GLN A 29 22.99 29.12 -11.44
C GLN A 29 23.91 27.95 -11.12
N GLN A 30 24.60 28.07 -9.98
CA GLN A 30 25.55 27.08 -9.49
C GLN A 30 25.24 26.77 -8.02
N GLY A 31 25.32 25.50 -7.66
CA GLY A 31 25.08 25.05 -6.30
C GLY A 31 26.34 24.50 -5.67
N PHE A 32 26.40 24.56 -4.35
CA PHE A 32 27.53 24.07 -3.58
C PHE A 32 26.99 23.39 -2.34
N THR A 33 27.65 22.33 -1.88
CA THR A 33 27.25 21.69 -0.65
C THR A 33 28.43 20.93 -0.11
N ASN A 34 28.41 20.69 1.19
CA ASN A 34 29.44 19.84 1.79
C ASN A 34 29.16 18.36 1.63
N ASN A 35 27.95 17.96 1.28
CA ASN A 35 27.61 16.54 1.23
C ASN A 35 26.54 16.35 0.16
N LEU A 36 26.96 15.92 -1.04
CA LEU A 36 26.03 15.79 -2.16
C LEU A 36 24.95 14.75 -1.90
N LYS A 37 25.25 13.74 -1.09
CA LYS A 37 24.26 12.72 -0.79
C LYS A 37 23.21 13.26 0.16
N ARG A 38 23.64 13.83 1.31
CA ARG A 38 22.70 14.35 2.28
C ARG A 38 21.94 15.55 1.74
N ALA A 39 22.55 16.30 0.82
CA ALA A 39 21.86 17.45 0.23
C ALA A 39 20.56 17.01 -0.45
N ASN A 40 20.51 15.76 -0.90
CA ASN A 40 19.39 15.20 -1.63
C ASN A 40 18.60 14.18 -0.80
N GLN A 41 18.83 14.10 0.51
CA GLN A 41 18.09 13.21 1.37
C GLN A 41 16.83 13.91 1.85
N ALA A 42 15.67 13.24 1.69
CA ALA A 42 14.40 13.86 1.98
C ALA A 42 13.99 13.57 3.42
N PHE A 43 13.64 14.64 4.17
CA PHE A 43 13.30 14.56 5.57
C PHE A 43 11.94 15.22 5.78
N LEU A 44 11.34 14.94 6.95
CA LEU A 44 10.17 15.68 7.34
C LEU A 44 10.55 17.16 7.39
N PRO A 45 9.69 18.06 6.92
CA PRO A 45 10.08 19.47 6.87
C PRO A 45 9.90 20.18 8.19
N ALA A 46 9.14 19.60 9.12
CA ALA A 46 8.75 20.23 10.37
C ALA A 46 8.31 21.67 10.10
N SER A 47 8.78 22.63 10.91
CA SER A 47 8.23 23.97 10.82
C SER A 47 8.64 24.75 9.58
N THR A 48 9.59 24.24 8.76
CA THR A 48 9.80 24.89 7.47
C THR A 48 8.55 24.80 6.62
N PHE A 49 7.65 23.88 6.94
CA PHE A 49 6.38 23.78 6.17
C PHE A 49 5.45 24.97 6.39
N KCX A 50 5.93 25.87 7.52
CA KCX A 50 5.04 26.97 7.67
CB KCX A 50 5.37 27.68 8.97
CG KCX A 50 5.02 26.83 10.19
CD KCX A 50 5.31 27.49 11.53
CE KCX A 50 4.63 26.77 12.70
NZ KCX A 50 5.26 25.51 12.85
C KCX A 50 5.10 27.91 6.49
O KCX A 50 4.26 28.73 6.31
CX KCX A 50 4.77 24.35 12.48
OQ1 KCX A 50 3.73 24.22 11.95
OQ2 KCX A 50 5.55 23.33 12.67
H KCX A 50 6.93 26.31 7.32
HA KCX A 50 4.01 26.58 7.73
HB2 KCX A 50 6.44 27.85 9.01
HB3 KCX A 50 4.88 28.63 9.03
HG2 KCX A 50 3.97 26.57 10.14
HG3 KCX A 50 5.59 25.91 10.13
HD2 KCX A 50 4.99 28.52 11.50
HD3 KCX A 50 6.36 27.49 11.70
HE2 KCX A 50 3.58 26.64 12.52
HE3 KCX A 50 4.76 27.36 13.61
HZ KCX A 50 6.17 25.52 13.26
HQ2 KCX A 50 5.12 22.50 12.51
N ILE A 51 6.12 27.80 5.69
CA ILE A 51 6.20 28.61 4.45
C ILE A 51 5.07 28.22 3.48
N PRO A 52 5.05 26.99 2.95
CA PRO A 52 3.94 26.64 2.06
C PRO A 52 2.57 26.76 2.73
N ASN A 53 2.47 26.40 4.01
CA ASN A 53 1.19 26.50 4.72
C ASN A 53 0.73 27.95 4.76
N SER A 54 1.63 28.88 5.10
CA SER A 54 1.22 30.29 5.05
C SER A 54 0.71 30.70 3.68
N LEU A 55 1.45 30.36 2.61
CA LEU A 55 1.05 30.73 1.26
C LEU A 55 -0.36 30.23 0.94
N ILE A 56 -0.64 28.97 1.27
CA ILE A 56 -1.91 28.36 0.94
C ILE A 56 -3.02 29.01 1.76
N ALA A 57 -2.76 29.21 3.05
CA ALA A 57 -3.73 29.88 3.91
C ALA A 57 -4.10 31.27 3.39
N LEU A 58 -3.10 32.04 2.95
CA LEU A 58 -3.35 33.39 2.44
C LEU A 58 -4.13 33.34 1.12
N ASP A 59 -3.76 32.42 0.24
CA ASP A 59 -4.38 32.40 -1.07
C ASP A 59 -5.82 31.93 -1.02
N LEU A 60 -6.15 31.06 -0.06
CA LEU A 60 -7.50 30.56 0.16
C LEU A 60 -8.31 31.41 1.13
N GLY A 61 -7.75 32.52 1.62
CA GLY A 61 -8.49 33.39 2.48
C GLY A 61 -8.60 32.90 3.90
N VAL A 62 -7.90 31.82 4.27
CA VAL A 62 -7.91 31.41 5.66
C VAL A 62 -7.24 32.45 6.53
N VAL A 63 -6.20 33.10 5.99
CA VAL A 63 -5.54 34.24 6.61
C VAL A 63 -5.82 35.44 5.71
N LYS A 64 -6.43 36.49 6.28
CA LYS A 64 -6.84 37.66 5.48
C LYS A 64 -5.64 38.55 5.16
N ASP A 65 -4.80 38.82 6.17
CA ASP A 65 -3.58 39.61 6.03
C ASP A 65 -2.65 39.31 7.22
N GLU A 66 -1.51 39.99 7.22
CA GLU A 66 -0.48 39.75 8.22
C GLU A 66 -0.82 40.36 9.58
N HIS A 67 -1.95 41.08 9.69
CA HIS A 67 -2.38 41.68 10.95
C HIS A 67 -3.50 40.93 11.62
N GLN A 68 -4.22 40.05 10.91
CA GLN A 68 -5.31 39.29 11.52
C GLN A 68 -4.80 38.55 12.74
N VAL A 69 -5.56 38.64 13.84
CA VAL A 69 -5.19 38.00 15.10
C VAL A 69 -5.84 36.63 15.21
N PHE A 70 -5.02 35.62 15.53
CA PHE A 70 -5.49 34.27 15.86
C PHE A 70 -5.39 34.11 17.37
N LYS A 71 -6.52 34.13 18.06
CA LYS A 71 -6.49 34.17 19.51
C LYS A 71 -6.05 32.82 20.07
N TRP A 72 -5.30 32.88 21.18
CA TRP A 72 -4.87 31.67 21.87
C TRP A 72 -6.11 30.84 22.23
N ASP A 73 -5.98 29.51 22.18
CA ASP A 73 -7.10 28.66 22.54
C ASP A 73 -7.18 28.39 24.05
N GLY A 74 -6.25 28.95 24.84
CA GLY A 74 -6.23 28.79 26.29
C GLY A 74 -5.59 27.52 26.81
N GLN A 75 -5.09 26.66 25.92
CA GLN A 75 -4.34 25.48 26.34
C GLN A 75 -2.90 25.91 26.55
N THR A 76 -2.37 25.70 27.76
CA THR A 76 -0.99 26.04 28.07
C THR A 76 -0.07 24.97 27.49
N ARG A 77 0.80 25.39 26.60
CA ARG A 77 1.78 24.50 25.96
C ARG A 77 3.17 24.81 26.49
N ASP A 78 4.11 23.92 26.14
CA ASP A 78 5.47 23.97 26.67
C ASP A 78 6.17 25.28 26.30
N ILE A 79 5.96 25.76 25.08
CA ILE A 79 6.67 26.91 24.55
C ILE A 79 5.88 28.18 24.94
N ALA A 80 6.46 28.98 25.84
CA ALA A 80 5.72 30.05 26.49
C ALA A 80 5.18 31.09 25.51
N THR A 81 5.96 31.43 24.47
CA THR A 81 5.53 32.43 23.50
C THR A 81 4.29 31.99 22.73
N TRP A 82 3.95 30.71 22.75
CA TRP A 82 2.77 30.17 22.07
C TRP A 82 1.48 30.44 22.84
N ASN A 83 1.58 30.83 24.10
CA ASN A 83 0.44 30.94 25.00
C ASN A 83 -0.14 32.36 25.00
N ARG A 84 -0.36 32.88 23.80
CA ARG A 84 -0.80 34.25 23.57
C ARG A 84 -1.37 34.33 22.17
N ASP A 85 -2.07 35.45 21.89
CA ASP A 85 -2.56 35.73 20.55
C ASP A 85 -1.39 36.00 19.60
N HIS A 86 -1.58 35.64 18.33
CA HIS A 86 -0.56 35.78 17.31
C HIS A 86 -1.18 36.29 16.03
N ASN A 87 -0.35 36.96 15.24
CA ASN A 87 -0.66 37.23 13.85
C ASN A 87 0.33 36.46 13.00
N LEU A 88 0.27 36.63 11.68
CA LEU A 88 1.14 35.82 10.82
C LEU A 88 2.62 36.10 11.06
N ILE A 89 2.96 37.36 11.38
CA ILE A 89 4.36 37.72 11.57
C ILE A 89 4.90 37.04 12.82
N THR A 90 4.17 37.15 13.94
CA THR A 90 4.66 36.56 15.19
C THR A 90 4.52 35.05 15.20
N ALA A 91 3.50 34.51 14.52
CA ALA A 91 3.36 33.07 14.45
C ALA A 91 4.54 32.44 13.70
N MET A 92 5.04 33.11 12.64
CA MET A 92 6.25 32.64 11.97
C MET A 92 7.47 32.77 12.89
N LYS A 93 7.62 33.94 13.51
CA LYS A 93 8.78 34.22 14.35
C LYS A 93 8.90 33.21 15.48
N TYR A 94 7.82 32.95 16.17
CA TYR A 94 7.81 32.04 17.29
C TYR A 94 7.42 30.60 16.96
N SER A 95 7.22 30.36 15.70
CA SER A 95 6.91 29.06 15.13
C SER A 95 5.78 28.36 15.86
N VAL A 96 4.66 29.01 15.84
CA VAL A 96 3.50 28.63 16.66
C VAL A 96 2.68 27.52 16.01
N VAL A 97 3.12 26.30 16.26
CA VAL A 97 2.51 25.11 15.67
C VAL A 97 0.98 25.11 15.76
N PRO A 98 0.36 25.32 16.91
CA PRO A 98 -1.11 25.18 16.95
C PRO A 98 -1.85 26.14 16.03
N VAL A 99 -1.30 27.34 15.80
CA VAL A 99 -1.92 28.27 14.85
C VAL A 99 -1.95 27.66 13.46
N TYR A 100 -0.82 27.07 13.04
CA TYR A 100 -0.72 26.48 11.72
C TYR A 100 -1.48 25.16 11.61
N GLN A 101 -1.66 24.47 12.72
CA GLN A 101 -2.48 23.25 12.71
C GLN A 101 -3.92 23.59 12.38
N GLU A 102 -4.42 24.71 12.92
CA GLU A 102 -5.76 25.16 12.60
C GLU A 102 -5.83 25.64 11.15
N PHE A 103 -4.81 26.36 10.66
CA PHE A 103 -4.80 26.71 9.24
C PHE A 103 -4.97 25.45 8.39
N ALA A 104 -4.20 24.39 8.70
CA ALA A 104 -4.26 23.16 7.91
C ALA A 104 -5.64 22.51 7.93
N ARG A 105 -6.33 22.55 9.08
CA ARG A 105 -7.67 21.97 9.18
C ARG A 105 -8.66 22.75 8.32
N GLN A 106 -8.49 24.06 8.29
CA GLN A 106 -9.37 24.91 7.50
C GLN A 106 -9.09 24.75 6.01
N ILE A 107 -7.81 24.63 5.63
CA ILE A 107 -7.46 24.32 4.25
C ILE A 107 -8.09 23.00 3.81
N GLY A 108 -7.91 21.97 4.63
CA GLY A 108 -8.40 20.63 4.32
C GLY A 108 -7.47 19.81 3.45
N GLU A 109 -7.66 18.50 3.50
CA GLU A 109 -6.70 17.61 2.85
C GLU A 109 -6.72 17.72 1.34
N ALA A 110 -7.91 17.84 0.73
CA ALA A 110 -8.00 17.90 -0.73
C ALA A 110 -7.22 19.11 -1.26
N ARG A 111 -7.49 20.30 -0.72
CA ARG A 111 -6.83 21.51 -1.20
C ARG A 111 -5.35 21.50 -0.85
N MET A 112 -4.99 20.99 0.33
CA MET A 112 -3.59 20.92 0.71
C MET A 112 -2.79 20.06 -0.28
N SER A 113 -3.33 18.89 -0.62
CA SER A 113 -2.64 18.01 -1.56
C SER A 113 -2.51 18.65 -2.94
N LYS A 114 -3.59 19.27 -3.42
CA LYS A 114 -3.56 19.89 -4.74
C LYS A 114 -2.52 21.01 -4.78
N MET A 115 -2.45 21.82 -3.72
CA MET A 115 -1.48 22.90 -3.72
C MET A 115 -0.04 22.40 -3.64
N LEU A 116 0.22 21.41 -2.81
CA LEU A 116 1.59 20.87 -2.77
C LEU A 116 2.00 20.26 -4.11
N HIS A 117 1.08 19.62 -4.83
CA HIS A 117 1.41 19.20 -6.20
C HIS A 117 1.72 20.40 -7.10
N ALA A 118 0.91 21.44 -7.01
CA ALA A 118 1.12 22.63 -7.84
C ALA A 118 2.46 23.29 -7.53
N PHE A 119 2.86 23.25 -6.25
CA PHE A 119 4.15 23.77 -5.81
C PHE A 119 5.32 22.84 -6.10
N ASP A 120 5.09 21.62 -6.61
CA ASP A 120 6.17 20.64 -6.83
C ASP A 120 6.95 20.38 -5.54
N TYR A 121 6.25 20.39 -4.41
CA TYR A 121 6.87 20.40 -3.08
C TYR A 121 7.26 18.99 -2.63
N GLY A 122 8.57 18.73 -2.62
CA GLY A 122 9.09 17.48 -2.07
C GLY A 122 8.47 16.29 -2.76
N ASN A 123 8.07 15.32 -1.95
CA ASN A 123 7.43 14.10 -2.47
C ASN A 123 5.93 14.23 -2.59
N GLU A 124 5.36 15.38 -2.24
CA GLU A 124 3.96 15.75 -2.50
C GLU A 124 2.95 14.88 -1.75
N ASP A 125 3.37 14.18 -0.71
CA ASP A 125 2.60 13.16 0.00
C ASP A 125 2.19 13.74 1.34
N ILE A 126 0.88 13.96 1.52
CA ILE A 126 0.34 14.51 2.78
C ILE A 126 -0.25 13.43 3.67
N SER A 127 0.05 12.17 3.41
CA SER A 127 -0.51 11.10 4.24
C SER A 127 -0.21 11.36 5.71
N GLY A 128 -1.17 11.01 6.57
CA GLY A 128 -1.12 11.34 7.98
C GLY A 128 -2.28 12.24 8.34
N ASN A 129 -2.23 12.79 9.57
CA ASN A 129 -3.25 13.70 10.03
C ASN A 129 -3.11 15.01 9.26
N VAL A 130 -4.26 15.60 8.89
CA VAL A 130 -4.20 16.82 8.10
C VAL A 130 -3.54 17.93 8.88
N ASP A 131 -3.61 17.85 10.22
CA ASP A 131 -3.06 18.87 11.10
C ASP A 131 -1.71 18.49 11.71
N SER A 132 -1.06 17.43 11.21
CA SER A 132 0.29 17.14 11.67
C SER A 132 1.18 16.39 10.69
N PHE A 133 0.82 16.26 9.42
CA PHE A 133 1.59 15.40 8.50
C PHE A 133 3.01 15.91 8.26
N TRP A 134 3.25 17.23 8.40
CA TRP A 134 4.59 17.80 8.31
C TRP A 134 5.46 17.54 9.55
N LEU A 135 4.88 16.96 10.60
CA LEU A 135 5.56 16.59 11.84
C LEU A 135 5.71 15.09 12.00
N ASP A 136 4.71 14.31 11.53
CA ASP A 136 4.76 12.87 11.73
C ASP A 136 4.00 12.09 10.67
N GLY A 137 3.78 12.67 9.47
CA GLY A 137 3.14 11.97 8.37
C GLY A 137 4.11 11.65 7.25
N GLY A 138 3.62 11.67 6.02
CA GLY A 138 4.35 11.15 4.88
C GLY A 138 5.17 12.14 4.09
N ILE A 139 5.07 13.44 4.37
CA ILE A 139 5.72 14.43 3.50
C ILE A 139 7.21 14.47 3.77
N ARG A 140 8.00 14.38 2.69
CA ARG A 140 9.46 14.41 2.76
C ARG A 140 10.01 15.37 1.71
N ILE A 141 11.03 16.15 2.10
CA ILE A 141 11.66 17.12 1.21
C ILE A 141 13.15 17.21 1.54
N SER A 142 13.98 17.29 0.51
CA SER A 142 15.43 17.39 0.64
C SER A 142 15.86 18.84 0.66
N ALA A 143 17.10 19.09 1.06
CA ALA A 143 17.62 20.47 1.06
C ALA A 143 17.61 21.09 -0.34
N THR A 144 17.98 20.33 -1.38
CA THR A 144 17.98 20.89 -2.73
C THR A 144 16.56 21.17 -3.20
N GLU A 145 15.61 20.32 -2.79
CA GLU A 145 14.21 20.53 -3.13
C GLU A 145 13.66 21.77 -2.42
N GLN A 146 14.11 22.04 -1.20
CA GLN A 146 13.71 23.27 -0.52
C GLN A 146 14.21 24.46 -1.32
N ILE A 147 15.44 24.39 -1.84
CA ILE A 147 15.95 25.50 -2.65
C ILE A 147 15.10 25.70 -3.90
N SER A 148 14.74 24.61 -4.59
CA SER A 148 13.91 24.72 -5.78
C SER A 148 12.62 25.48 -5.46
N PHE A 149 12.00 25.12 -4.34
CA PHE A 149 10.74 25.73 -3.89
C PHE A 149 10.92 27.21 -3.53
N LEU A 150 11.99 27.50 -2.79
CA LEU A 150 12.26 28.87 -2.37
C LEU A 150 12.55 29.76 -3.57
N ARG A 151 13.27 29.24 -4.58
CA ARG A 151 13.52 30.06 -5.75
C ARG A 151 12.22 30.49 -6.43
N LYS A 152 11.26 29.59 -6.52
CA LYS A 152 9.97 29.98 -7.09
C LYS A 152 9.33 31.07 -6.25
N LEU A 153 9.36 30.93 -4.92
CA LEU A 153 8.78 31.97 -4.06
C LEU A 153 9.50 33.30 -4.28
N TYR A 154 10.83 33.29 -4.33
CA TYR A 154 11.56 34.54 -4.51
C TYR A 154 11.08 35.29 -5.75
N HIS A 155 10.89 34.56 -6.85
CA HIS A 155 10.54 35.17 -8.12
C HIS A 155 9.03 35.28 -8.33
N ASN A 156 8.23 34.99 -7.31
CA ASN A 156 6.76 35.10 -7.39
C ASN A 156 6.18 34.14 -8.43
N LYS A 157 6.76 32.96 -8.56
CA LYS A 157 6.37 32.01 -9.60
C LYS A 157 5.55 30.84 -9.07
N LEU A 158 5.30 30.78 -7.77
CA LEU A 158 4.39 29.76 -7.29
C LEU A 158 2.95 30.05 -7.72
N HIS A 159 2.13 28.99 -7.72
CA HIS A 159 0.77 29.10 -8.24
C HIS A 159 -0.20 29.57 -7.15
N VAL A 160 0.14 30.73 -6.63
CA VAL A 160 -0.69 31.53 -5.73
C VAL A 160 -0.45 32.98 -6.13
N SER A 161 -1.19 33.90 -5.51
CA SER A 161 -1.13 35.30 -5.90
C SER A 161 0.22 35.92 -5.60
N GLU A 162 0.55 36.99 -6.34
CA GLU A 162 1.70 37.81 -5.99
C GLU A 162 1.58 38.31 -4.57
N ARG A 163 0.39 38.76 -4.17
CA ARG A 163 0.23 39.30 -2.82
C ARG A 163 0.56 38.25 -1.76
N SER A 164 0.05 37.03 -1.92
CA SER A 164 0.35 35.98 -0.95
C SER A 164 1.84 35.75 -0.82
N GLN A 165 2.54 35.71 -1.95
CA GLN A 165 3.98 35.50 -1.93
C GLN A 165 4.71 36.67 -1.25
N ARG A 166 4.35 37.91 -1.57
CA ARG A 166 4.94 39.06 -0.88
C ARG A 166 4.71 39.00 0.62
N ILE A 167 3.49 38.65 1.05
CA ILE A 167 3.21 38.65 2.48
C ILE A 167 4.05 37.59 3.18
N VAL A 168 4.18 36.40 2.59
CA VAL A 168 4.98 35.35 3.23
C VAL A 168 6.45 35.75 3.28
N LYS A 169 6.95 36.39 2.22
CA LYS A 169 8.34 36.82 2.23
C LYS A 169 8.57 37.88 3.30
N GLN A 170 7.60 38.75 3.54
CA GLN A 170 7.66 39.69 4.66
C GLN A 170 7.76 38.94 5.98
N ALA A 171 6.88 37.94 6.16
CA ALA A 171 6.81 37.17 7.39
C ALA A 171 8.05 36.31 7.61
N MET A 172 8.80 36.01 6.53
CA MET A 172 10.06 35.29 6.68
C MET A 172 11.22 36.19 7.09
N LEU A 173 11.05 37.49 7.17
CA LEU A 173 12.17 38.36 7.49
C LEU A 173 12.78 37.96 8.83
N THR A 174 14.09 37.71 8.80
CA THR A 174 14.80 37.25 9.98
C THR A 174 15.92 38.18 10.40
N GLU A 175 16.71 38.70 9.46
CA GLU A 175 17.82 39.59 9.78
C GLU A 175 18.07 40.54 8.63
N ALA A 176 18.45 41.76 8.98
CA ALA A 176 18.79 42.73 7.95
C ALA A 176 19.70 43.77 8.55
N ASN A 177 20.65 44.20 7.75
CA ASN A 177 21.54 45.31 8.07
C ASN A 177 22.02 45.90 6.75
N GLY A 178 23.01 46.80 6.83
CA GLY A 178 23.49 47.42 5.62
C GLY A 178 24.23 46.53 4.63
N ASP A 179 24.40 45.23 4.92
CA ASP A 179 25.10 44.29 4.00
C ASP A 179 24.20 43.27 3.40
N TYR A 180 23.20 42.81 4.15
CA TYR A 180 22.47 41.66 3.68
C TYR A 180 21.09 41.66 4.31
N ILE A 181 20.21 40.87 3.71
CA ILE A 181 18.91 40.57 4.26
C ILE A 181 18.76 39.06 4.23
N ILE A 182 18.37 38.47 5.36
CA ILE A 182 18.04 37.05 5.42
C ILE A 182 16.53 36.91 5.59
N ARG A 183 15.91 36.12 4.70
CA ARG A 183 14.52 35.70 4.83
C ARG A 183 14.58 34.19 4.94
N ALA A 184 13.97 33.61 5.99
CA ALA A 184 14.21 32.20 6.27
C ALA A 184 13.16 31.67 7.26
N LYS A 185 13.17 30.34 7.43
CA LYS A 185 12.36 29.66 8.42
C LYS A 185 13.12 28.48 8.98
N THR A 186 13.06 28.32 10.31
CA THR A 186 13.66 27.20 11.00
C THR A 186 12.70 26.01 11.06
N GLY A 187 13.26 24.83 11.32
CA GLY A 187 12.43 23.66 11.52
C GLY A 187 13.10 22.71 12.49
N TYR A 188 12.28 21.99 13.26
CA TYR A 188 12.81 21.04 14.24
C TYR A 188 11.91 19.82 14.19
N SER A 189 12.45 18.70 13.69
CA SER A 189 11.69 17.46 13.53
C SER A 189 12.11 16.52 14.66
N THR A 190 11.21 16.32 15.63
CA THR A 190 11.49 15.52 16.84
C THR A 190 10.62 14.28 16.98
N ARG A 191 9.51 14.18 16.24
CA ARG A 191 8.54 13.12 16.50
C ARG A 191 8.96 11.81 15.86
N ILE A 192 9.69 11.86 14.74
CA ILE A 192 10.09 10.69 13.99
C ILE A 192 11.60 10.77 13.76
N GLU A 193 12.29 9.66 13.97
CA GLU A 193 13.72 9.66 13.80
C GLU A 193 14.03 9.75 12.29
N PRO A 194 15.21 10.28 11.96
CA PRO A 194 16.19 10.85 12.90
C PRO A 194 15.84 12.29 13.28
N LYS A 195 16.03 12.68 14.55
CA LYS A 195 15.70 14.04 14.97
C LYS A 195 16.67 15.00 14.29
N ILE A 196 16.14 16.04 13.63
CA ILE A 196 16.94 16.97 12.85
C ILE A 196 16.43 18.40 13.04
N GLY A 197 17.35 19.34 12.80
CA GLY A 197 17.03 20.75 12.68
C GLY A 197 17.27 21.23 11.26
N TRP A 198 16.45 22.20 10.83
CA TRP A 198 16.54 22.80 9.51
C TRP A 198 16.67 24.31 9.65
N TRP A 199 17.32 24.93 8.66
CA TRP A 199 17.15 26.36 8.38
C TRP A 199 17.18 26.53 6.88
N VAL A 200 16.15 27.16 6.31
CA VAL A 200 16.07 27.34 4.87
C VAL A 200 15.62 28.75 4.58
N GLY A 201 16.11 29.30 3.48
CA GLY A 201 15.79 30.65 3.08
C GLY A 201 16.79 31.17 2.07
N TRP A 202 17.04 32.47 2.14
CA TRP A 202 18.02 33.08 1.23
C TRP A 202 18.62 34.32 1.86
N VAL A 203 19.77 34.73 1.30
CA VAL A 203 20.46 35.98 1.64
C VAL A 203 20.38 36.89 0.42
N GLU A 204 19.77 38.08 0.61
CA GLU A 204 19.71 39.09 -0.45
C GLU A 204 20.89 40.02 -0.33
N LEU A 205 21.70 40.10 -1.41
CA LEU A 205 22.74 41.10 -1.56
C LEU A 205 22.32 42.15 -2.59
N ASP A 206 23.13 43.21 -2.70
CA ASP A 206 22.83 44.25 -3.68
C ASP A 206 22.62 43.68 -5.08
N ASP A 207 23.46 42.73 -5.49
CA ASP A 207 23.51 42.33 -6.89
C ASP A 207 23.35 40.84 -7.11
N ASN A 208 22.93 40.08 -6.09
CA ASN A 208 22.78 38.64 -6.20
C ASN A 208 21.93 38.19 -5.02
N VAL A 209 21.40 36.98 -5.14
CA VAL A 209 20.72 36.31 -4.03
C VAL A 209 21.33 34.92 -3.91
N TRP A 210 21.59 34.51 -2.68
CA TRP A 210 22.11 33.18 -2.38
C TRP A 210 21.04 32.44 -1.58
N PHE A 211 20.50 31.38 -2.16
CA PHE A 211 19.55 30.51 -1.48
C PHE A 211 20.32 29.53 -0.62
N PHE A 212 19.72 29.15 0.51
CA PHE A 212 20.34 28.16 1.35
C PHE A 212 19.30 27.21 1.95
N ALA A 213 19.74 25.97 2.20
CA ALA A 213 18.96 25.02 2.96
C ALA A 213 19.95 24.14 3.70
N MET A 214 19.76 24.00 5.00
CA MET A 214 20.64 23.15 5.81
C MET A 214 19.79 22.30 6.70
N ASN A 215 20.28 21.10 7.02
CA ASN A 215 19.71 20.33 8.11
C ASN A 215 20.85 19.65 8.82
N MET A 216 20.59 19.27 10.06
CA MET A 216 21.63 18.70 10.90
C MET A 216 20.99 17.79 11.93
N ASP A 217 21.73 16.78 12.36
CA ASP A 217 21.22 15.94 13.43
C ASP A 217 21.04 16.77 14.70
N MET A 218 19.95 16.51 15.41
CA MET A 218 19.52 17.32 16.56
C MET A 218 18.97 16.41 17.64
N PRO A 219 19.85 15.67 18.33
CA PRO A 219 19.37 14.74 19.35
C PRO A 219 18.70 15.41 20.54
N THR A 220 19.07 16.64 20.86
CA THR A 220 18.43 17.41 21.90
C THR A 220 18.17 18.83 21.42
N SER A 221 17.25 19.50 22.11
CA SER A 221 16.94 20.90 21.82
C SER A 221 18.07 21.86 22.19
N ASP A 222 19.11 21.38 22.88
CA ASP A 222 20.22 22.25 23.27
C ASP A 222 20.92 22.88 22.08
N GLY A 223 20.97 22.19 20.95
CA GLY A 223 21.74 22.65 19.82
C GLY A 223 20.97 23.40 18.75
N LEU A 224 19.79 23.90 19.06
CA LEU A 224 18.98 24.51 18.01
C LEU A 224 19.67 25.72 17.43
N GLY A 225 20.39 26.49 18.27
CA GLY A 225 21.10 27.65 17.77
C GLY A 225 22.19 27.33 16.79
N LEU A 226 22.64 26.07 16.73
CA LEU A 226 23.65 25.69 15.74
C LEU A 226 23.11 25.73 14.33
N ARG A 227 21.79 25.64 14.14
CA ARG A 227 21.24 25.73 12.79
C ARG A 227 21.70 27.01 12.12
N GLN A 228 21.49 28.14 12.80
CA GLN A 228 21.92 29.42 12.25
C GLN A 228 23.43 29.63 12.36
N ALA A 229 24.05 29.19 13.44
CA ALA A 229 25.48 29.43 13.63
C ALA A 229 26.30 28.74 12.55
N ILE A 230 26.00 27.46 12.29
CA ILE A 230 26.78 26.73 11.30
C ILE A 230 26.56 27.30 9.92
N THR A 231 25.31 27.63 9.58
CA THR A 231 25.03 28.23 8.29
C THR A 231 25.81 29.53 8.11
N LYS A 232 25.85 30.37 9.16
CA LYS A 232 26.55 31.64 9.07
C LYS A 232 28.06 31.47 8.89
N GLU A 233 28.65 30.46 9.55
CA GLU A 233 30.06 30.16 9.29
C GLU A 233 30.31 29.82 7.82
N VAL A 234 29.42 29.06 7.19
CA VAL A 234 29.56 28.77 5.76
C VAL A 234 29.42 30.03 4.94
N LEU A 235 28.40 30.83 5.24
CA LEU A 235 28.20 32.05 4.49
C LEU A 235 29.40 33.00 4.64
N LYS A 236 29.97 33.08 5.84
CA LYS A 236 31.17 33.89 6.06
C LYS A 236 32.33 33.36 5.24
N GLN A 237 32.54 32.04 5.26
CA GLN A 237 33.66 31.44 4.55
C GLN A 237 33.57 31.73 3.05
N GLU A 238 32.34 31.71 2.51
CA GLU A 238 32.10 31.94 1.10
C GLU A 238 31.96 33.42 0.76
N LYS A 239 32.22 34.30 1.73
CA LYS A 239 32.25 35.74 1.54
C LYS A 239 30.90 36.28 1.09
N ILE A 240 29.82 35.58 1.45
CA ILE A 240 28.46 36.07 1.20
C ILE A 240 28.07 37.10 2.24
N ILE A 241 28.46 36.88 3.49
CA ILE A 241 28.30 37.87 4.54
C ILE A 241 29.67 38.09 5.17
N PRO A 242 29.91 39.27 5.77
CA PRO A 242 31.24 39.51 6.33
C PRO A 242 31.49 38.70 7.58
N GLU B 1 24.58 21.97 -18.69
CA GLU B 1 25.09 20.62 -18.46
C GLU B 1 23.96 19.64 -18.28
N TRP B 2 22.84 20.15 -17.77
CA TRP B 2 21.59 19.39 -17.67
C TRP B 2 20.50 20.16 -18.40
N GLN B 3 19.63 19.39 -19.03
CA GLN B 3 18.52 19.91 -19.79
C GLN B 3 17.35 19.05 -19.34
N GLU B 4 16.23 19.68 -19.00
CA GLU B 4 15.00 18.95 -18.79
C GLU B 4 14.28 18.90 -20.12
N ASN B 5 13.78 17.73 -20.51
CA ASN B 5 12.99 17.54 -21.73
C ASN B 5 11.71 16.88 -21.28
N LYS B 6 10.68 17.70 -21.00
CA LYS B 6 9.38 17.17 -20.59
C LYS B 6 8.65 16.43 -21.70
N SER B 7 9.11 16.53 -22.96
CA SER B 7 8.39 15.82 -24.00
C SER B 7 8.43 14.32 -23.78
N TRP B 8 9.42 13.81 -23.04
CA TRP B 8 9.47 12.37 -22.77
C TRP B 8 8.36 11.91 -21.84
N ASN B 9 7.70 12.84 -21.14
CA ASN B 9 6.58 12.44 -20.29
C ASN B 9 5.47 11.81 -21.10
N ALA B 10 5.36 12.16 -22.39
CA ALA B 10 4.37 11.56 -23.28
C ALA B 10 4.52 10.04 -23.33
N HIS B 11 5.74 9.52 -23.19
CA HIS B 11 5.91 8.08 -23.20
C HIS B 11 5.41 7.45 -21.91
N PHE B 12 5.50 8.18 -20.79
CA PHE B 12 4.99 7.70 -19.52
C PHE B 12 3.47 7.74 -19.49
N THR B 13 2.87 8.85 -19.91
CA THR B 13 1.42 8.99 -19.77
C THR B 13 0.65 8.08 -20.71
N GLU B 14 1.24 7.65 -21.82
CA GLU B 14 0.54 6.73 -22.69
C GLU B 14 0.48 5.32 -22.15
N HIS B 15 1.18 5.05 -21.04
CA HIS B 15 1.03 3.80 -20.32
C HIS B 15 0.40 4.02 -18.95
N LYS B 16 -0.26 5.16 -18.75
CA LYS B 16 -0.84 5.51 -17.45
C LYS B 16 0.21 5.39 -16.36
N SER B 17 1.45 5.79 -16.69
CA SER B 17 2.61 5.63 -15.83
C SER B 17 3.18 7.00 -15.46
N GLN B 18 4.08 6.97 -14.49
CA GLN B 18 4.84 8.14 -14.06
C GLN B 18 6.27 7.71 -13.78
N GLY B 19 7.25 8.54 -14.14
CA GLY B 19 8.63 8.18 -13.84
C GLY B 19 9.62 9.18 -14.39
N VAL B 20 10.88 8.77 -14.36
CA VAL B 20 12.00 9.60 -14.80
C VAL B 20 12.93 8.73 -15.65
N VAL B 21 13.38 9.31 -16.77
CA VAL B 21 14.52 8.77 -17.52
C VAL B 21 15.64 9.79 -17.41
N VAL B 22 16.85 9.30 -17.15
CA VAL B 22 18.06 10.12 -17.15
C VAL B 22 19.02 9.54 -18.19
N LEU B 23 19.54 10.40 -19.06
CA LEU B 23 20.50 10.02 -20.09
C LEU B 23 21.77 10.84 -19.91
N TRP B 24 22.93 10.23 -20.22
CA TRP B 24 24.20 10.93 -20.18
C TRP B 24 24.97 10.63 -21.46
N ASN B 25 25.18 11.66 -22.27
CA ASN B 25 26.01 11.55 -23.48
C ASN B 25 27.48 11.62 -23.08
N GLU B 26 28.20 10.52 -23.17
CA GLU B 26 29.56 10.49 -22.65
C GLU B 26 30.50 11.38 -23.46
N ASN B 27 30.32 11.42 -24.78
CA ASN B 27 31.21 12.25 -25.59
C ASN B 27 31.08 13.73 -25.24
N LYS B 28 29.85 14.20 -25.04
CA LYS B 28 29.60 15.61 -24.82
C LYS B 28 29.57 15.99 -23.35
N GLN B 29 29.59 15.02 -22.44
CA GLN B 29 29.51 15.30 -21.03
C GLN B 29 28.27 16.15 -20.73
N GLN B 30 27.14 15.72 -21.26
CA GLN B 30 25.87 16.42 -21.08
C GLN B 30 24.80 15.42 -20.66
N GLY B 31 24.00 15.82 -19.68
CA GLY B 31 22.90 15.01 -19.19
C GLY B 31 21.54 15.57 -19.57
N PHE B 32 20.52 14.71 -19.55
CA PHE B 32 19.18 15.04 -19.98
C PHE B 32 18.18 14.22 -19.17
N THR B 33 17.04 14.82 -18.81
CA THR B 33 16.04 14.09 -18.05
C THR B 33 14.69 14.77 -18.23
N ASN B 34 13.62 14.00 -18.07
CA ASN B 34 12.29 14.62 -18.13
C ASN B 34 11.87 15.25 -16.81
N ASN B 35 12.56 14.98 -15.71
CA ASN B 35 12.11 15.38 -14.37
C ASN B 35 13.35 15.51 -13.46
N LEU B 36 13.87 16.73 -13.38
CA LEU B 36 15.10 16.97 -12.62
C LEU B 36 14.93 16.62 -11.13
N LYS B 37 13.77 16.92 -10.56
CA LYS B 37 13.52 16.60 -9.15
C LYS B 37 13.60 15.10 -8.93
N ARG B 38 12.83 14.33 -9.71
CA ARG B 38 12.79 12.89 -9.52
C ARG B 38 14.12 12.23 -9.88
N ALA B 39 14.86 12.80 -10.82
CA ALA B 39 16.17 12.26 -11.16
C ALA B 39 17.11 12.26 -9.98
N ASN B 40 16.90 13.16 -9.03
CA ASN B 40 17.74 13.30 -7.84
C ASN B 40 17.10 12.78 -6.56
N GLN B 41 15.91 12.17 -6.65
CA GLN B 41 15.33 11.50 -5.52
C GLN B 41 15.89 10.09 -5.41
N ALA B 42 16.06 9.65 -4.17
CA ALA B 42 16.76 8.41 -3.84
C ALA B 42 15.78 7.34 -3.38
N PHE B 43 15.99 6.13 -3.91
CA PHE B 43 15.11 4.99 -3.71
C PHE B 43 15.94 3.77 -3.40
N LEU B 44 15.29 2.74 -2.85
CA LEU B 44 15.99 1.48 -2.72
C LEU B 44 16.44 1.03 -4.10
N PRO B 45 17.64 0.46 -4.23
CA PRO B 45 18.11 0.01 -5.54
C PRO B 45 17.48 -1.29 -5.98
N ALA B 46 16.94 -2.07 -5.04
CA ALA B 46 16.45 -3.42 -5.31
C ALA B 46 17.48 -4.17 -6.14
N SER B 47 17.11 -4.84 -7.21
CA SER B 47 18.04 -5.73 -7.88
C SER B 47 19.10 -4.98 -8.69
N THR B 48 19.01 -3.65 -8.87
CA THR B 48 20.14 -2.96 -9.50
C THR B 48 21.38 -3.08 -8.62
N PHE B 49 21.20 -3.46 -7.37
CA PHE B 49 22.33 -3.63 -6.47
C PHE B 49 23.17 -4.86 -6.84
N KCX B 50 22.49 -5.76 -7.84
CA KCX B 50 23.36 -6.85 -8.12
CB KCX B 50 22.59 -7.95 -8.86
CG KCX B 50 21.39 -8.56 -8.10
CD KCX B 50 20.54 -9.60 -8.82
CE KCX B 50 19.65 -10.34 -7.88
NZ KCX B 50 18.65 -9.52 -7.26
C KCX B 50 24.61 -6.42 -8.84
O KCX B 50 25.53 -7.19 -8.94
CX KCX B 50 18.71 -9.03 -6.02
OQ1 KCX B 50 19.58 -9.26 -5.25
OQ2 KCX B 50 17.73 -8.26 -5.69
H KCX B 50 22.21 -5.24 -8.79
HA KCX B 50 23.66 -7.27 -7.16
HB2 KCX B 50 23.29 -8.73 -9.14
HB3 KCX B 50 22.22 -7.52 -9.77
HG2 KCX B 50 20.72 -7.74 -7.86
HG3 KCX B 50 21.73 -8.98 -7.18
HD2 KCX B 50 19.88 -9.10 -9.54
HD3 KCX B 50 21.17 -10.28 -9.36
HE2 KCX B 50 19.18 -11.15 -8.42
HE3 KCX B 50 20.27 -10.78 -7.10
HZ KCX B 50 17.86 -9.28 -7.83
HQ2 KCX B 50 18.01 -7.63 -5.03
N ILE B 51 24.67 -5.22 -9.33
CA ILE B 51 25.87 -4.76 -10.01
C ILE B 51 27.03 -4.59 -8.98
N PRO B 52 26.90 -3.71 -8.01
CA PRO B 52 27.97 -3.62 -7.00
C PRO B 52 28.17 -4.89 -6.21
N ASN B 53 27.11 -5.61 -5.89
CA ASN B 53 27.26 -6.88 -5.17
C ASN B 53 28.14 -7.84 -5.96
N SER B 54 27.88 -7.96 -7.27
CA SER B 54 28.70 -8.83 -8.12
C SER B 54 30.17 -8.40 -8.08
N LEU B 55 30.44 -7.09 -8.26
CA LEU B 55 31.81 -6.61 -8.26
C LEU B 55 32.53 -6.97 -6.96
N ILE B 56 31.88 -6.73 -5.82
CA ILE B 56 32.48 -7.00 -4.51
C ILE B 56 32.70 -8.50 -4.32
N ALA B 57 31.71 -9.32 -4.67
CA ALA B 57 31.89 -10.76 -4.53
C ALA B 57 33.08 -11.25 -5.34
N LEU B 58 33.20 -10.80 -6.59
CA LEU B 58 34.31 -11.21 -7.44
C LEU B 58 35.64 -10.75 -6.84
N ASP B 59 35.73 -9.47 -6.44
CA ASP B 59 37.01 -8.93 -6.02
C ASP B 59 37.48 -9.59 -4.73
N LEU B 60 36.56 -9.97 -3.86
CA LEU B 60 36.93 -10.67 -2.63
C LEU B 60 37.11 -12.17 -2.83
N GLY B 61 36.84 -12.71 -4.01
CA GLY B 61 36.95 -14.14 -4.24
C GLY B 61 35.80 -14.97 -3.74
N VAL B 62 34.70 -14.34 -3.33
CA VAL B 62 33.48 -15.10 -3.04
C VAL B 62 32.99 -15.78 -4.31
N VAL B 63 33.07 -15.08 -5.43
CA VAL B 63 32.81 -15.63 -6.76
C VAL B 63 34.14 -15.73 -7.48
N LYS B 64 34.50 -16.93 -7.94
CA LYS B 64 35.77 -17.19 -8.58
C LYS B 64 35.79 -16.72 -10.04
N ASP B 65 34.72 -17.00 -10.78
CA ASP B 65 34.55 -16.51 -12.14
C ASP B 65 33.08 -16.65 -12.53
N GLU B 66 32.78 -16.27 -13.77
CA GLU B 66 31.40 -16.26 -14.25
C GLU B 66 30.85 -17.67 -14.54
N HIS B 67 31.65 -18.72 -14.37
CA HIS B 67 31.23 -20.10 -14.58
C HIS B 67 30.98 -20.86 -13.29
N GLN B 68 31.45 -20.35 -12.16
CA GLN B 68 31.26 -21.05 -10.90
C GLN B 68 29.76 -21.27 -10.68
N VAL B 69 29.40 -22.49 -10.27
CA VAL B 69 27.99 -22.85 -10.11
C VAL B 69 27.57 -22.65 -8.67
N PHE B 70 26.43 -21.95 -8.48
CA PHE B 70 25.81 -21.77 -7.18
C PHE B 70 24.56 -22.63 -7.16
N LYS B 71 24.63 -23.73 -6.43
CA LYS B 71 23.59 -24.74 -6.54
C LYS B 71 22.33 -24.29 -5.84
N TRP B 72 21.20 -24.67 -6.43
CA TRP B 72 19.90 -24.33 -5.87
C TRP B 72 19.79 -25.01 -4.52
N ASP B 73 19.29 -24.29 -3.53
CA ASP B 73 19.14 -24.82 -2.18
C ASP B 73 17.97 -25.78 -2.06
N GLY B 74 17.24 -26.03 -3.15
CA GLY B 74 16.11 -26.94 -3.11
C GLY B 74 14.83 -26.37 -2.52
N GLN B 75 14.80 -25.08 -2.18
CA GLN B 75 13.61 -24.38 -1.68
C GLN B 75 12.88 -23.77 -2.88
N THR B 76 11.68 -24.27 -3.17
CA THR B 76 10.94 -23.72 -4.30
C THR B 76 10.46 -22.31 -3.99
N ARG B 77 10.76 -21.36 -4.88
CA ARG B 77 10.31 -19.98 -4.75
C ARG B 77 9.42 -19.61 -5.94
N ASP B 78 8.79 -18.42 -5.78
CA ASP B 78 7.78 -17.88 -6.69
C ASP B 78 8.26 -17.91 -8.14
N ILE B 79 9.48 -17.46 -8.38
CA ILE B 79 10.02 -17.25 -9.71
C ILE B 79 10.70 -18.55 -10.18
N ALA B 80 10.13 -19.18 -11.20
CA ALA B 80 10.51 -20.54 -11.54
C ALA B 80 11.96 -20.68 -12.00
N THR B 81 12.51 -19.66 -12.66
CA THR B 81 13.90 -19.68 -13.09
C THR B 81 14.87 -19.64 -11.92
N TRP B 82 14.41 -19.28 -10.71
CA TRP B 82 15.26 -19.29 -9.52
C TRP B 82 15.47 -20.69 -8.97
N ASN B 83 14.65 -21.66 -9.39
CA ASN B 83 14.64 -23.01 -8.82
C ASN B 83 15.53 -23.91 -9.66
N ARG B 84 16.79 -23.51 -9.73
CA ARG B 84 17.80 -24.26 -10.48
C ARG B 84 19.16 -23.69 -10.13
N ASP B 85 20.19 -24.39 -10.61
CA ASP B 85 21.57 -23.95 -10.44
C ASP B 85 21.80 -22.71 -11.29
N HIS B 86 22.70 -21.84 -10.83
CA HIS B 86 23.03 -20.62 -11.54
C HIS B 86 24.52 -20.34 -11.48
N ASN B 87 24.98 -19.58 -12.46
CA ASN B 87 26.28 -18.93 -12.42
C ASN B 87 26.03 -17.44 -12.47
N LEU B 88 27.13 -16.68 -12.52
CA LEU B 88 26.97 -15.22 -12.47
C LEU B 88 26.16 -14.71 -13.64
N ILE B 89 26.32 -15.31 -14.82
CA ILE B 89 25.60 -14.78 -15.99
C ILE B 89 24.11 -14.99 -15.82
N THR B 90 23.70 -16.22 -15.46
CA THR B 90 22.28 -16.54 -15.35
C THR B 90 21.68 -15.93 -14.08
N ALA B 91 22.48 -15.73 -13.03
CA ALA B 91 21.92 -15.16 -11.80
C ALA B 91 21.61 -13.68 -12.00
N MET B 92 22.41 -12.99 -12.80
CA MET B 92 22.08 -11.62 -13.21
C MET B 92 20.86 -11.61 -14.14
N LYS B 93 20.84 -12.50 -15.14
CA LYS B 93 19.78 -12.47 -16.15
C LYS B 93 18.42 -12.67 -15.51
N TYR B 94 18.30 -13.63 -14.60
CA TYR B 94 17.04 -13.97 -13.96
C TYR B 94 16.86 -13.29 -12.61
N SER B 95 17.78 -12.41 -12.24
CA SER B 95 17.77 -11.62 -11.01
C SER B 95 17.50 -12.51 -9.78
N VAL B 96 18.36 -13.47 -9.62
CA VAL B 96 18.17 -14.50 -8.63
C VAL B 96 18.59 -14.06 -7.24
N VAL B 97 17.63 -13.49 -6.53
CA VAL B 97 17.89 -12.93 -5.21
C VAL B 97 18.61 -13.86 -4.25
N PRO B 98 18.16 -15.10 -4.06
CA PRO B 98 18.82 -15.95 -3.04
C PRO B 98 20.30 -16.17 -3.29
N VAL B 99 20.73 -16.19 -4.55
CA VAL B 99 22.16 -16.32 -4.86
C VAL B 99 22.92 -15.11 -4.32
N TYR B 100 22.38 -13.90 -4.56
CA TYR B 100 23.05 -12.67 -4.16
C TYR B 100 22.95 -12.46 -2.66
N GLN B 101 21.91 -13.02 -2.03
CA GLN B 101 21.84 -12.94 -0.57
C GLN B 101 22.98 -13.73 0.06
N GLU B 102 23.30 -14.91 -0.49
CA GLU B 102 24.46 -15.67 -0.03
C GLU B 102 25.78 -14.93 -0.30
N PHE B 103 25.92 -14.30 -1.47
CA PHE B 103 27.12 -13.49 -1.70
C PHE B 103 27.29 -12.47 -0.58
N ALA B 104 26.21 -11.77 -0.25
CA ALA B 104 26.28 -10.71 0.74
C ALA B 104 26.68 -11.24 2.12
N ARG B 105 26.14 -12.39 2.54
CA ARG B 105 26.49 -12.96 3.84
C ARG B 105 27.98 -13.29 3.87
N GLN B 106 28.53 -13.76 2.76
CA GLN B 106 29.93 -14.14 2.72
C GLN B 106 30.80 -12.91 2.70
N ILE B 107 30.38 -11.86 1.99
CA ILE B 107 31.07 -10.59 2.03
C ILE B 107 31.09 -10.04 3.46
N GLY B 108 29.93 -10.00 4.09
CA GLY B 108 29.80 -9.47 5.43
C GLY B 108 29.62 -7.97 5.46
N GLU B 109 29.09 -7.49 6.59
CA GLU B 109 28.69 -6.09 6.67
C GLU B 109 29.88 -5.13 6.56
N ALA B 110 31.00 -5.42 7.24
CA ALA B 110 32.09 -4.46 7.29
C ALA B 110 32.69 -4.22 5.91
N ARG B 111 32.98 -5.30 5.18
CA ARG B 111 33.55 -5.18 3.85
C ARG B 111 32.54 -4.63 2.85
N MET B 112 31.26 -5.02 2.97
CA MET B 112 30.20 -4.44 2.14
C MET B 112 30.14 -2.92 2.29
N SER B 113 30.09 -2.45 3.53
CA SER B 113 30.06 -1.01 3.80
C SER B 113 31.29 -0.31 3.27
N LYS B 114 32.47 -0.88 3.53
CA LYS B 114 33.71 -0.29 3.06
C LYS B 114 33.71 -0.18 1.55
N MET B 115 33.23 -1.21 0.86
CA MET B 115 33.29 -1.19 -0.60
C MET B 115 32.31 -0.18 -1.19
N LEU B 116 31.12 -0.05 -0.62
CA LEU B 116 30.19 0.94 -1.14
C LEU B 116 30.73 2.35 -0.93
N HIS B 117 31.40 2.60 0.18
CA HIS B 117 32.05 3.89 0.36
C HIS B 117 33.10 4.11 -0.71
N ALA B 118 33.95 3.10 -0.94
CA ALA B 118 34.95 3.18 -1.99
C ALA B 118 34.33 3.44 -3.36
N PHE B 119 33.14 2.87 -3.62
CA PHE B 119 32.42 3.10 -4.88
C PHE B 119 31.63 4.40 -4.92
N ASP B 120 31.57 5.16 -3.81
CA ASP B 120 30.70 6.34 -3.72
C ASP B 120 29.27 6.01 -4.12
N TYR B 121 28.78 4.87 -3.65
CA TYR B 121 27.55 4.28 -4.18
C TYR B 121 26.39 4.78 -3.37
N GLY B 122 25.61 5.68 -3.97
CA GLY B 122 24.36 6.11 -3.36
C GLY B 122 24.63 6.70 -2.00
N ASN B 123 23.77 6.38 -1.04
CA ASN B 123 23.97 6.96 0.28
C ASN B 123 24.95 6.16 1.13
N GLU B 124 25.52 5.09 0.61
CA GLU B 124 26.58 4.32 1.27
C GLU B 124 26.14 3.65 2.57
N ASP B 125 24.83 3.52 2.81
CA ASP B 125 24.25 3.12 4.09
C ASP B 125 23.70 1.70 3.92
N ILE B 126 24.26 0.74 4.65
CA ILE B 126 23.84 -0.65 4.54
C ILE B 126 22.97 -1.08 5.73
N SER B 127 22.43 -0.13 6.49
CA SER B 127 21.71 -0.50 7.71
C SER B 127 20.60 -1.50 7.41
N GLY B 128 20.36 -2.38 8.37
CA GLY B 128 19.47 -3.49 8.14
C GLY B 128 20.28 -4.77 8.05
N ASN B 129 19.64 -5.80 7.51
CA ASN B 129 20.30 -7.09 7.39
C ASN B 129 21.26 -7.07 6.20
N VAL B 130 22.43 -7.68 6.39
CA VAL B 130 23.44 -7.72 5.35
C VAL B 130 22.92 -8.40 4.10
N ASP B 131 21.95 -9.33 4.25
CA ASP B 131 21.42 -10.08 3.12
C ASP B 131 20.09 -9.54 2.57
N SER B 132 19.65 -8.37 3.03
CA SER B 132 18.46 -7.80 2.42
C SER B 132 18.44 -6.28 2.39
N PHE B 133 19.54 -5.59 2.74
CA PHE B 133 19.42 -4.15 2.93
C PHE B 133 19.04 -3.41 1.65
N TRP B 134 19.30 -4.00 0.48
CA TRP B 134 18.94 -3.36 -0.78
C TRP B 134 17.48 -3.58 -1.13
N LEU B 135 16.76 -4.37 -0.32
CA LEU B 135 15.33 -4.59 -0.44
C LEU B 135 14.53 -3.90 0.65
N ASP B 136 15.09 -3.72 1.86
CA ASP B 136 14.29 -3.20 2.97
C ASP B 136 15.14 -2.55 4.05
N GLY B 137 16.38 -2.20 3.75
CA GLY B 137 17.30 -1.55 4.66
C GLY B 137 17.49 -0.10 4.30
N GLY B 138 18.65 0.47 4.60
CA GLY B 138 18.84 1.91 4.59
C GLY B 138 19.49 2.49 3.36
N ILE B 139 19.90 1.63 2.43
CA ILE B 139 20.61 2.08 1.23
C ILE B 139 19.62 2.79 0.30
N ARG B 140 20.02 3.93 -0.24
CA ARG B 140 19.20 4.65 -1.21
C ARG B 140 20.10 5.18 -2.29
N ILE B 141 19.56 5.25 -3.52
CA ILE B 141 20.33 5.77 -4.64
C ILE B 141 19.37 6.45 -5.62
N SER B 142 19.80 7.56 -6.20
CA SER B 142 19.01 8.25 -7.21
C SER B 142 19.44 7.81 -8.61
N ALA B 143 18.62 8.19 -9.60
CA ALA B 143 18.98 7.91 -11.00
C ALA B 143 20.30 8.59 -11.38
N THR B 144 20.51 9.85 -10.96
CA THR B 144 21.76 10.52 -11.29
C THR B 144 22.95 9.83 -10.65
N GLU B 145 22.79 9.35 -9.40
CA GLU B 145 23.85 8.60 -8.75
C GLU B 145 24.11 7.26 -9.42
N GLN B 146 23.08 6.60 -9.99
CA GLN B 146 23.32 5.36 -10.73
C GLN B 146 24.21 5.64 -11.92
N ILE B 147 23.96 6.74 -12.63
CA ILE B 147 24.79 7.07 -13.78
C ILE B 147 26.24 7.29 -13.37
N SER B 148 26.47 8.04 -12.27
CA SER B 148 27.81 8.32 -11.82
C SER B 148 28.56 7.02 -11.56
N PHE B 149 27.89 6.08 -10.90
CA PHE B 149 28.48 4.79 -10.58
C PHE B 149 28.80 3.99 -11.85
N LEU B 150 27.84 3.94 -12.78
CA LEU B 150 28.00 3.18 -14.01
C LEU B 150 29.13 3.74 -14.86
N ARG B 151 29.28 5.06 -14.89
CA ARG B 151 30.38 5.63 -15.68
C ARG B 151 31.74 5.10 -15.18
N LYS B 152 31.92 5.04 -13.86
CA LYS B 152 33.15 4.50 -13.27
C LYS B 152 33.37 3.06 -13.72
N LEU B 153 32.32 2.23 -13.64
CA LEU B 153 32.41 0.84 -14.06
C LEU B 153 32.76 0.72 -15.54
N TYR B 154 32.14 1.55 -16.41
CA TYR B 154 32.42 1.47 -17.83
C TYR B 154 33.92 1.69 -18.11
N HIS B 155 34.53 2.63 -17.40
CA HIS B 155 35.91 3.07 -17.58
C HIS B 155 36.88 2.31 -16.69
N ASN B 156 36.41 1.28 -15.99
CA ASN B 156 37.27 0.45 -15.15
C ASN B 156 37.91 1.25 -14.03
N LYS B 157 37.22 2.25 -13.51
CA LYS B 157 37.78 3.16 -12.53
C LYS B 157 37.35 2.84 -11.09
N LEU B 158 36.48 1.86 -10.89
CA LEU B 158 36.14 1.49 -9.54
C LEU B 158 37.31 0.80 -8.83
N HIS B 159 37.31 0.87 -7.51
CA HIS B 159 38.40 0.34 -6.69
C HIS B 159 38.23 -1.16 -6.46
N VAL B 160 38.19 -1.86 -7.60
CA VAL B 160 38.30 -3.30 -7.69
C VAL B 160 39.12 -3.58 -8.95
N SER B 161 39.48 -4.83 -9.16
CA SER B 161 40.38 -5.13 -10.27
C SER B 161 39.72 -4.90 -11.64
N GLU B 162 40.56 -4.70 -12.66
CA GLU B 162 40.05 -4.66 -14.03
C GLU B 162 39.26 -5.93 -14.35
N ARG B 163 39.78 -7.07 -13.94
CA ARG B 163 39.11 -8.33 -14.26
C ARG B 163 37.69 -8.36 -13.68
N SER B 164 37.53 -7.96 -12.42
CA SER B 164 36.21 -7.95 -11.78
C SER B 164 35.23 -7.09 -12.53
N GLN B 165 35.69 -5.92 -12.99
CA GLN B 165 34.83 -5.02 -13.74
C GLN B 165 34.47 -5.57 -15.12
N ARG B 166 35.44 -6.17 -15.81
CA ARG B 166 35.14 -6.80 -17.08
C ARG B 166 34.11 -7.91 -16.93
N ILE B 167 34.24 -8.75 -15.91
CA ILE B 167 33.31 -9.87 -15.76
C ILE B 167 31.87 -9.37 -15.49
N VAL B 168 31.73 -8.34 -14.65
CA VAL B 168 30.40 -7.83 -14.37
C VAL B 168 29.81 -7.19 -15.61
N LYS B 169 30.63 -6.49 -16.39
CA LYS B 169 30.09 -5.89 -17.62
C LYS B 169 29.64 -6.97 -18.59
N GLN B 170 30.36 -8.08 -18.65
CA GLN B 170 29.89 -9.23 -19.43
C GLN B 170 28.54 -9.72 -18.90
N ALA B 171 28.43 -9.87 -17.57
CA ALA B 171 27.21 -10.33 -16.94
C ALA B 171 26.05 -9.36 -17.12
N MET B 172 26.31 -8.06 -17.36
CA MET B 172 25.25 -7.10 -17.58
C MET B 172 24.70 -7.14 -19.00
N LEU B 173 25.29 -7.96 -19.87
CA LEU B 173 24.87 -7.98 -21.27
C LEU B 173 23.41 -8.33 -21.37
N THR B 174 22.66 -7.44 -22.01
CA THR B 174 21.22 -7.59 -22.13
C THR B 174 20.77 -7.76 -23.58
N GLU B 175 21.27 -6.92 -24.48
CA GLU B 175 20.87 -6.93 -25.89
C GLU B 175 22.02 -6.44 -26.74
N ALA B 176 22.17 -7.03 -27.93
CA ALA B 176 23.19 -6.59 -28.86
C ALA B 176 22.77 -6.94 -30.28
N ASN B 177 23.06 -6.03 -31.21
CA ASN B 177 22.84 -6.22 -32.64
C ASN B 177 23.82 -5.32 -33.37
N GLY B 178 23.59 -5.11 -34.67
CA GLY B 178 24.48 -4.30 -35.48
C GLY B 178 24.37 -2.82 -35.25
N ASP B 179 23.39 -2.42 -34.45
CA ASP B 179 23.14 -1.01 -34.16
C ASP B 179 23.58 -0.58 -32.77
N TYR B 180 23.52 -1.46 -31.78
CA TYR B 180 23.93 -1.07 -30.44
C TYR B 180 24.16 -2.31 -29.57
N ILE B 181 24.74 -2.07 -28.39
CA ILE B 181 24.85 -3.06 -27.32
C ILE B 181 24.32 -2.41 -26.05
N ILE B 182 23.40 -3.08 -25.35
CA ILE B 182 22.91 -2.64 -24.06
C ILE B 182 23.49 -3.54 -22.95
N ARG B 183 24.15 -2.92 -21.97
CA ARG B 183 24.54 -3.56 -20.73
C ARG B 183 23.76 -2.89 -19.61
N ALA B 184 23.05 -3.67 -18.81
CA ALA B 184 22.06 -3.07 -17.91
C ALA B 184 21.64 -4.05 -16.82
N LYS B 185 20.94 -3.52 -15.82
CA LYS B 185 20.33 -4.35 -14.81
C LYS B 185 18.99 -3.74 -14.40
N THR B 186 17.96 -4.58 -14.26
CA THR B 186 16.64 -4.17 -13.80
C THR B 186 16.55 -4.17 -12.28
N GLY B 187 15.59 -3.44 -11.73
CA GLY B 187 15.26 -3.57 -10.31
C GLY B 187 13.79 -3.37 -10.08
N TYR B 188 13.30 -3.96 -9.00
CA TYR B 188 11.88 -3.85 -8.61
C TYR B 188 11.85 -3.73 -7.10
N SER B 189 11.37 -2.61 -6.60
CA SER B 189 11.26 -2.34 -5.18
C SER B 189 9.81 -2.14 -4.70
N THR B 190 9.37 -2.99 -3.80
CA THR B 190 8.05 -2.90 -3.25
C THR B 190 7.89 -2.84 -1.73
N ARG B 191 8.95 -3.09 -0.99
CA ARG B 191 8.88 -3.15 0.45
C ARG B 191 8.66 -1.86 1.19
N ILE B 192 8.96 -0.77 0.53
CA ILE B 192 8.76 0.52 1.04
C ILE B 192 8.22 1.36 -0.14
N GLU B 193 7.47 2.41 0.15
CA GLU B 193 6.87 3.28 -0.84
C GLU B 193 7.85 4.32 -1.28
N PRO B 194 7.81 4.82 -2.57
CA PRO B 194 6.87 4.23 -3.52
C PRO B 194 7.37 2.95 -4.20
N LYS B 195 6.46 2.08 -4.61
CA LYS B 195 6.81 0.89 -5.33
C LYS B 195 7.30 1.35 -6.70
N ILE B 196 8.47 0.90 -7.09
CA ILE B 196 9.10 1.38 -8.32
C ILE B 196 9.77 0.24 -9.06
N GLY B 197 9.92 0.45 -10.36
CA GLY B 197 10.81 -0.36 -11.19
C GLY B 197 11.95 0.51 -11.64
N TRP B 198 13.14 -0.11 -11.76
CA TRP B 198 14.35 0.54 -12.25
C TRP B 198 14.84 -0.16 -13.52
N TRP B 199 15.53 0.59 -14.37
CA TRP B 199 16.41 0.01 -15.37
C TRP B 199 17.60 0.95 -15.52
N VAL B 200 18.81 0.43 -15.34
CA VAL B 200 20.01 1.26 -15.35
C VAL B 200 21.09 0.53 -16.17
N GLY B 201 21.89 1.31 -16.86
CA GLY B 201 22.94 0.72 -17.68
C GLY B 201 23.40 1.71 -18.72
N TRP B 202 23.79 1.17 -19.88
CA TRP B 202 24.23 2.03 -20.97
C TRP B 202 24.05 1.34 -22.32
N VAL B 203 24.05 2.19 -23.35
CA VAL B 203 23.96 1.82 -24.76
C VAL B 203 25.32 2.16 -25.40
N GLU B 204 26.01 1.12 -25.90
CA GLU B 204 27.27 1.31 -26.61
C GLU B 204 26.98 1.46 -28.10
N LEU B 205 27.45 2.55 -28.68
CA LEU B 205 27.40 2.79 -30.11
C LEU B 205 28.82 2.69 -30.65
N ASP B 206 28.95 2.70 -31.98
CA ASP B 206 30.28 2.69 -32.58
C ASP B 206 31.19 3.77 -32.02
N ASP B 207 30.68 5.01 -31.88
CA ASP B 207 31.49 6.18 -31.58
C ASP B 207 31.04 6.95 -30.35
N ASN B 208 30.19 6.38 -29.49
CA ASN B 208 29.74 7.08 -28.28
C ASN B 208 29.13 6.04 -27.36
N VAL B 209 28.94 6.41 -26.09
CA VAL B 209 28.19 5.60 -25.14
C VAL B 209 27.15 6.51 -24.50
N TRP B 210 25.90 6.04 -24.42
CA TRP B 210 24.84 6.76 -23.71
C TRP B 210 24.51 5.97 -22.44
N PHE B 211 24.79 6.57 -21.29
CA PHE B 211 24.36 5.99 -20.03
C PHE B 211 22.90 6.35 -19.75
N PHE B 212 22.21 5.45 -19.05
CA PHE B 212 20.83 5.70 -18.72
C PHE B 212 20.49 5.14 -17.35
N ALA B 213 19.52 5.77 -16.71
CA ALA B 213 18.97 5.30 -15.46
C ALA B 213 17.54 5.77 -15.43
N MET B 214 16.61 4.87 -15.24
CA MET B 214 15.20 5.20 -15.19
C MET B 214 14.57 4.53 -13.98
N ASN B 215 13.58 5.19 -13.41
CA ASN B 215 12.68 4.50 -12.49
C ASN B 215 11.29 5.03 -12.70
N MET B 216 10.32 4.20 -12.37
CA MET B 216 8.93 4.52 -12.64
C MET B 216 8.07 3.89 -11.56
N ASP B 217 6.93 4.50 -11.30
CA ASP B 217 6.01 3.90 -10.34
C ASP B 217 5.55 2.54 -10.85
N MET B 218 5.43 1.58 -9.94
CA MET B 218 5.13 0.18 -10.28
C MET B 218 4.14 -0.38 -9.28
N PRO B 219 2.87 0.01 -9.38
CA PRO B 219 1.90 -0.44 -8.36
C PRO B 219 1.59 -1.93 -8.39
N THR B 220 1.69 -2.58 -9.54
CA THR B 220 1.64 -4.04 -9.62
C THR B 220 2.78 -4.52 -10.52
N SER B 221 3.04 -5.82 -10.45
CA SER B 221 4.07 -6.42 -11.28
C SER B 221 3.70 -6.45 -12.76
N ASP B 222 2.43 -6.16 -13.11
CA ASP B 222 1.97 -6.27 -14.49
C ASP B 222 2.75 -5.35 -15.43
N GLY B 223 3.31 -4.26 -14.92
CA GLY B 223 3.97 -3.27 -15.74
C GLY B 223 5.48 -3.37 -15.81
N LEU B 224 6.09 -4.47 -15.36
CA LEU B 224 7.54 -4.53 -15.31
C LEU B 224 8.18 -4.35 -16.68
N GLY B 225 7.52 -4.81 -17.75
CA GLY B 225 8.07 -4.63 -19.10
C GLY B 225 8.12 -3.19 -19.55
N LEU B 226 7.38 -2.30 -18.89
CA LEU B 226 7.41 -0.89 -19.25
C LEU B 226 8.73 -0.24 -18.88
N ARG B 227 9.49 -0.86 -17.98
CA ARG B 227 10.80 -0.33 -17.67
C ARG B 227 11.66 -0.22 -18.92
N GLN B 228 11.78 -1.34 -19.66
CA GLN B 228 12.54 -1.33 -20.90
C GLN B 228 11.78 -0.63 -22.01
N ALA B 229 10.46 -0.84 -22.11
CA ALA B 229 9.72 -0.26 -23.23
C ALA B 229 9.77 1.26 -23.22
N ILE B 230 9.56 1.88 -22.06
CA ILE B 230 9.57 3.35 -21.99
C ILE B 230 10.97 3.90 -22.24
N THR B 231 11.99 3.26 -21.64
CA THR B 231 13.37 3.69 -21.90
C THR B 231 13.66 3.64 -23.40
N LYS B 232 13.28 2.55 -24.06
CA LYS B 232 13.56 2.42 -25.48
C LYS B 232 12.83 3.50 -26.29
N GLU B 233 11.59 3.80 -25.94
CA GLU B 233 10.89 4.91 -26.60
C GLU B 233 11.67 6.23 -26.48
N VAL B 234 12.28 6.50 -25.32
CA VAL B 234 13.10 7.70 -25.17
C VAL B 234 14.35 7.61 -26.03
N LEU B 235 15.03 6.46 -25.99
CA LEU B 235 16.22 6.25 -26.81
C LEU B 235 15.90 6.46 -28.29
N LYS B 236 14.75 5.96 -28.74
CA LYS B 236 14.35 6.13 -30.13
C LYS B 236 14.11 7.60 -30.44
N GLN B 237 13.36 8.28 -29.56
CA GLN B 237 13.06 9.69 -29.81
C GLN B 237 14.34 10.50 -29.99
N GLU B 238 15.38 10.16 -29.22
CA GLU B 238 16.65 10.90 -29.27
C GLU B 238 17.62 10.37 -30.33
N LYS B 239 17.17 9.44 -31.19
CA LYS B 239 17.96 8.90 -32.30
C LYS B 239 19.17 8.08 -31.86
N ILE B 240 19.18 7.62 -30.60
CA ILE B 240 20.28 6.82 -30.07
C ILE B 240 20.19 5.40 -30.61
N ILE B 241 18.98 4.87 -30.69
CA ILE B 241 18.74 3.59 -31.33
C ILE B 241 17.69 3.81 -32.43
N PRO B 242 17.70 3.00 -33.49
CA PRO B 242 16.75 3.14 -34.60
C PRO B 242 15.32 2.84 -34.19
N GLU C 1 -9.37 -40.26 18.11
CA GLU C 1 -8.75 -39.02 18.59
C GLU C 1 -8.53 -37.99 17.45
N TRP C 2 -8.42 -38.49 16.23
CA TRP C 2 -8.44 -37.64 15.05
C TRP C 2 -9.39 -38.26 14.04
N GLN C 3 -10.27 -37.40 13.51
CA GLN C 3 -11.26 -37.77 12.52
C GLN C 3 -10.98 -36.87 11.33
N GLU C 4 -11.02 -37.44 10.12
CA GLU C 4 -11.05 -36.63 8.93
C GLU C 4 -12.51 -36.44 8.54
N ASN C 5 -12.90 -35.19 8.23
CA ASN C 5 -14.24 -34.87 7.75
C ASN C 5 -14.13 -34.16 6.42
N LYS C 6 -14.21 -34.93 5.32
CA LYS C 6 -14.03 -34.35 4.00
C LYS C 6 -15.15 -33.41 3.57
N SER C 7 -16.31 -33.40 4.24
CA SER C 7 -17.39 -32.53 3.80
C SER C 7 -17.04 -31.05 3.97
N TRP C 8 -16.06 -30.74 4.81
CA TRP C 8 -15.60 -29.36 4.92
C TRP C 8 -14.96 -28.87 3.64
N ASN C 9 -14.55 -29.77 2.74
CA ASN C 9 -13.97 -29.35 1.48
C ASN C 9 -14.95 -28.57 0.63
N ALA C 10 -16.25 -28.77 0.84
CA ALA C 10 -17.24 -27.99 0.12
C ALA C 10 -17.05 -26.49 0.35
N HIS C 11 -16.58 -26.10 1.53
CA HIS C 11 -16.40 -24.68 1.78
C HIS C 11 -15.18 -24.14 1.06
N PHE C 12 -14.14 -24.95 0.89
CA PHE C 12 -12.99 -24.56 0.09
C PHE C 12 -13.34 -24.48 -1.39
N THR C 13 -14.04 -25.47 -1.92
CA THR C 13 -14.22 -25.50 -3.37
C THR C 13 -15.15 -24.39 -3.83
N GLU C 14 -16.03 -23.92 -2.96
CA GLU C 14 -16.95 -22.89 -3.40
C GLU C 14 -16.30 -21.52 -3.46
N HIS C 15 -15.11 -21.37 -2.89
CA HIS C 15 -14.29 -20.19 -3.13
C HIS C 15 -13.11 -20.49 -4.04
N LYS C 16 -13.17 -21.57 -4.81
CA LYS C 16 -12.07 -21.94 -5.71
C LYS C 16 -10.75 -21.96 -4.94
N SER C 17 -10.79 -22.47 -3.70
CA SER C 17 -9.65 -22.44 -2.80
C SER C 17 -9.26 -23.86 -2.41
N GLN C 18 -8.05 -23.98 -1.86
CA GLN C 18 -7.50 -25.25 -1.39
C GLN C 18 -6.90 -25.01 -0.01
N GLY C 19 -7.20 -25.87 0.95
CA GLY C 19 -6.54 -25.74 2.23
C GLY C 19 -7.01 -26.74 3.26
N VAL C 20 -6.72 -26.40 4.52
CA VAL C 20 -6.99 -27.26 5.66
C VAL C 20 -7.54 -26.40 6.79
N VAL C 21 -8.54 -26.93 7.47
CA VAL C 21 -8.99 -26.46 8.79
C VAL C 21 -8.80 -27.61 9.75
N VAL C 22 -8.24 -27.31 10.92
CA VAL C 22 -8.10 -28.26 12.01
C VAL C 22 -8.84 -27.70 13.19
N LEU C 23 -9.68 -28.51 13.82
CA LEU C 23 -10.37 -28.16 15.05
C LEU C 23 -9.96 -29.12 16.17
N TRP C 24 -9.94 -28.59 17.38
CA TRP C 24 -9.66 -29.40 18.56
C TRP C 24 -10.72 -29.08 19.61
N ASN C 25 -11.50 -30.10 19.98
CA ASN C 25 -12.52 -29.99 21.03
C ASN C 25 -11.84 -30.22 22.38
N GLU C 26 -11.72 -29.17 23.18
CA GLU C 26 -10.93 -29.29 24.40
C GLU C 26 -11.56 -30.26 25.37
N ASN C 27 -12.88 -30.14 25.62
CA ASN C 27 -13.54 -31.02 26.59
C ASN C 27 -13.36 -32.48 26.23
N LYS C 28 -13.48 -32.82 24.95
CA LYS C 28 -13.44 -34.22 24.55
C LYS C 28 -12.04 -34.70 24.17
N GLN C 29 -11.07 -33.80 24.08
CA GLN C 29 -9.72 -34.13 23.62
C GLN C 29 -9.77 -34.91 22.31
N GLN C 30 -10.49 -34.35 21.33
CA GLN C 30 -10.63 -34.92 19.98
C GLN C 30 -10.35 -33.86 18.94
N GLY C 31 -9.67 -34.27 17.88
CA GLY C 31 -9.32 -33.37 16.78
C GLY C 31 -10.02 -33.80 15.51
N PHE C 32 -10.27 -32.84 14.64
CA PHE C 32 -11.02 -33.02 13.40
C PHE C 32 -10.39 -32.16 12.32
N THR C 33 -10.38 -32.65 11.08
CA THR C 33 -9.78 -31.89 9.97
C THR C 33 -10.30 -32.46 8.66
N ASN C 34 -10.31 -31.62 7.63
CA ASN C 34 -10.66 -32.09 6.30
C ASN C 34 -9.51 -32.77 5.56
N ASN C 35 -8.29 -32.73 6.08
CA ASN C 35 -7.15 -33.19 5.31
C ASN C 35 -6.00 -33.49 6.28
N LEU C 36 -5.92 -34.75 6.74
CA LEU C 36 -4.93 -35.13 7.74
C LEU C 36 -3.50 -34.87 7.27
N LYS C 37 -3.22 -35.02 5.98
CA LYS C 37 -1.86 -34.81 5.51
C LYS C 37 -1.48 -33.34 5.61
N ARG C 38 -2.30 -32.46 5.04
CA ARG C 38 -1.97 -31.05 5.08
C ARG C 38 -2.05 -30.48 6.50
N ALA C 39 -2.90 -31.04 7.36
CA ALA C 39 -2.91 -30.62 8.75
C ALA C 39 -1.55 -30.78 9.41
N ASN C 40 -0.74 -31.70 8.91
CA ASN C 40 0.55 -32.01 9.48
C ASN C 40 1.72 -31.59 8.59
N GLN C 41 1.45 -30.75 7.59
CA GLN C 41 2.52 -30.14 6.81
C GLN C 41 2.92 -28.81 7.43
N ALA C 42 4.22 -28.59 7.52
CA ALA C 42 4.77 -27.43 8.20
C ALA C 42 5.12 -26.31 7.22
N PHE C 43 4.73 -25.09 7.56
CA PHE C 43 4.92 -23.93 6.73
C PHE C 43 5.54 -22.82 7.57
N LEU C 44 6.06 -21.80 6.91
CA LEU C 44 6.44 -20.61 7.65
C LEU C 44 5.22 -20.07 8.39
N PRO C 45 5.39 -19.61 9.63
CA PRO C 45 4.23 -19.07 10.40
C PRO C 45 3.79 -17.68 9.97
N ALA C 46 4.65 -16.90 9.32
CA ALA C 46 4.43 -15.48 9.00
C ALA C 46 3.85 -14.78 10.24
N SER C 47 2.82 -14.01 10.12
CA SER C 47 2.44 -13.16 11.24
C SER C 47 1.76 -13.93 12.35
N THR C 48 1.49 -15.24 12.19
CA THR C 48 1.06 -16.00 13.37
C THR C 48 2.17 -16.02 14.42
N PHE C 49 3.42 -15.80 14.02
CA PHE C 49 4.55 -15.70 14.94
C PHE C 49 4.44 -14.53 15.93
N KCX C 50 3.57 -13.56 15.65
CA KCX C 50 3.41 -12.46 16.57
CB KCX C 50 2.50 -11.39 15.99
CG KCX C 50 3.24 -10.68 14.86
CD KCX C 50 2.45 -9.47 14.38
CE KCX C 50 3.26 -8.66 13.38
NZ KCX C 50 3.43 -9.37 12.13
C KCX C 50 2.91 -12.97 17.90
O KCX C 50 3.14 -12.28 18.92
CX KCX C 50 4.55 -10.03 11.82
OQ1 KCX C 50 5.53 -10.04 12.55
OQ2 KCX C 50 4.60 -10.68 10.66
H KCX C 50 3.42 -14.51 15.97
HA KCX C 50 4.40 -12.00 16.74
HB2 KCX C 50 1.58 -11.85 15.61
HB3 KCX C 50 2.22 -10.67 16.76
HG2 KCX C 50 3.37 -11.38 14.02
HG3 KCX C 50 4.22 -10.37 15.20
HD2 KCX C 50 1.52 -9.80 13.91
HD3 KCX C 50 2.19 -8.84 15.24
HE2 KCX C 50 4.25 -8.44 13.80
HE3 KCX C 50 2.76 -7.71 13.19
HZ KCX C 50 2.65 -9.39 11.49
HQ2 KCX C 50 5.46 -11.10 10.56
N ILE C 51 2.24 -14.12 17.94
CA ILE C 51 1.82 -14.66 19.22
C ILE C 51 3.05 -14.98 20.10
N PRO C 52 3.89 -15.95 19.72
CA PRO C 52 5.09 -16.18 20.53
C PRO C 52 5.95 -14.95 20.69
N ASN C 53 6.13 -14.16 19.61
CA ASN C 53 6.99 -12.97 19.70
C ASN C 53 6.47 -12.01 20.75
N SER C 54 5.16 -11.78 20.78
CA SER C 54 4.55 -10.94 21.83
C SER C 54 4.83 -11.48 23.22
N LEU C 55 4.62 -12.78 23.41
CA LEU C 55 4.86 -13.43 24.71
C LEU C 55 6.30 -13.21 25.16
N ILE C 56 7.25 -13.48 24.27
CA ILE C 56 8.66 -13.36 24.61
C ILE C 56 9.00 -11.91 24.95
N ALA C 57 8.52 -10.97 24.13
CA ALA C 57 8.85 -9.56 24.36
C ALA C 57 8.32 -9.09 25.71
N LEU C 58 7.10 -9.51 26.09
CA LEU C 58 6.51 -9.14 27.37
C LEU C 58 7.29 -9.75 28.54
N ASP C 59 7.59 -11.04 28.45
CA ASP C 59 8.24 -11.71 29.56
C ASP C 59 9.63 -11.15 29.82
N LEU C 60 10.32 -10.71 28.79
CA LEU C 60 11.67 -10.18 28.91
C LEU C 60 11.70 -8.69 29.18
N GLY C 61 10.53 -8.05 29.25
CA GLY C 61 10.49 -6.63 29.48
C GLY C 61 10.76 -5.76 28.27
N VAL C 62 10.96 -6.34 27.08
CA VAL C 62 11.06 -5.54 25.87
C VAL C 62 9.78 -4.74 25.67
N VAL C 63 8.65 -5.33 26.03
CA VAL C 63 7.35 -4.65 26.08
C VAL C 63 6.94 -4.57 27.53
N LYS C 64 6.80 -3.34 28.04
CA LYS C 64 6.49 -3.16 29.45
C LYS C 64 5.06 -3.55 29.72
N ASP C 65 4.15 -3.12 28.86
CA ASP C 65 2.74 -3.48 28.94
C ASP C 65 2.07 -3.15 27.61
N GLU C 66 0.75 -3.29 27.58
CA GLU C 66 -0.01 -3.20 26.33
C GLU C 66 -0.26 -1.76 25.92
N HIS C 67 0.18 -0.79 26.70
CA HIS C 67 0.04 0.62 26.38
C HIS C 67 1.33 1.24 25.84
N GLN C 68 2.47 0.61 26.05
CA GLN C 68 3.74 1.20 25.63
C GLN C 68 3.72 1.45 24.14
N VAL C 69 4.15 2.65 23.76
CA VAL C 69 4.09 3.10 22.37
C VAL C 69 5.41 2.77 21.69
N PHE C 70 5.33 2.22 20.49
CA PHE C 70 6.50 1.99 19.64
C PHE C 70 6.36 2.89 18.42
N LYS C 71 7.23 3.88 18.30
CA LYS C 71 7.00 4.89 17.30
C LYS C 71 7.40 4.36 15.92
N TRP C 72 6.71 4.86 14.92
CA TRP C 72 6.95 4.55 13.53
C TRP C 72 8.36 5.02 13.16
N ASP C 73 9.05 4.24 12.34
CA ASP C 73 10.39 4.60 11.91
C ASP C 73 10.40 5.63 10.79
N GLY C 74 9.23 6.10 10.36
CA GLY C 74 9.17 7.14 9.37
C GLY C 74 9.31 6.67 7.95
N GLN C 75 9.38 5.36 7.73
CA GLN C 75 9.44 4.78 6.40
C GLN C 75 8.02 4.40 5.99
N THR C 76 7.44 5.14 5.03
CA THR C 76 6.08 4.84 4.56
C THR C 76 6.03 3.51 3.82
N ARG C 77 5.15 2.64 4.28
CA ARG C 77 4.96 1.32 3.75
C ARG C 77 3.56 1.15 3.17
N ASP C 78 3.41 0.07 2.41
CA ASP C 78 2.21 -0.28 1.69
C ASP C 78 0.91 -0.27 2.50
N ILE C 79 0.92 -0.88 3.68
CA ILE C 79 -0.23 -0.96 4.57
C ILE C 79 -0.22 0.34 5.36
N ALA C 80 -1.19 1.18 5.06
CA ALA C 80 -1.18 2.53 5.58
C ALA C 80 -1.27 2.58 7.11
N THR C 81 -2.03 1.67 7.72
CA THR C 81 -2.15 1.57 9.18
C THR C 81 -0.79 1.33 9.87
N TRP C 82 0.22 0.84 9.15
CA TRP C 82 1.53 0.62 9.75
C TRP C 82 2.32 1.90 9.95
N ASN C 83 1.94 2.99 9.29
CA ASN C 83 2.78 4.19 9.22
C ASN C 83 2.44 5.16 10.34
N ARG C 84 2.38 4.63 11.54
CA ARG C 84 1.97 5.37 12.71
C ARG C 84 2.55 4.67 13.94
N ASP C 85 2.48 5.36 15.07
CA ASP C 85 2.86 4.78 16.33
C ASP C 85 1.86 3.68 16.68
N HIS C 86 2.34 2.71 17.44
CA HIS C 86 1.51 1.54 17.80
C HIS C 86 1.81 1.10 19.23
N ASN C 87 0.84 0.41 19.81
CA ASN C 87 1.03 -0.36 21.03
C ASN C 87 0.82 -1.84 20.72
N LEU C 88 0.97 -2.69 21.74
CA LEU C 88 0.86 -4.12 21.47
C LEU C 88 -0.51 -4.47 20.90
N ILE C 89 -1.58 -3.81 21.37
CA ILE C 89 -2.93 -4.15 20.89
C ILE C 89 -3.07 -3.85 19.41
N THR C 90 -2.72 -2.64 19.01
CA THR C 90 -2.88 -2.22 17.62
C THR C 90 -1.84 -2.86 16.70
N ALA C 91 -0.67 -3.18 17.23
CA ALA C 91 0.35 -3.84 16.40
C ALA C 91 -0.12 -5.26 16.03
N MET C 92 -0.76 -5.95 16.96
CA MET C 92 -1.37 -7.25 16.62
C MET C 92 -2.52 -7.07 15.64
N LYS C 93 -3.44 -6.16 15.95
CA LYS C 93 -4.63 -5.96 15.12
C LYS C 93 -4.27 -5.70 13.65
N TYR C 94 -3.30 -4.83 13.41
CA TYR C 94 -2.92 -4.39 12.07
C TYR C 94 -1.72 -5.15 11.54
N SER C 95 -1.23 -6.11 12.30
CA SER C 95 -0.11 -7.03 11.95
C SER C 95 1.11 -6.24 11.48
N VAL C 96 1.58 -5.39 12.39
CA VAL C 96 2.56 -4.35 12.07
C VAL C 96 3.97 -4.96 12.15
N VAL C 97 4.39 -5.54 11.03
CA VAL C 97 5.69 -6.25 10.97
C VAL C 97 6.85 -5.43 11.51
N PRO C 98 7.05 -4.17 11.13
CA PRO C 98 8.24 -3.48 11.61
C PRO C 98 8.32 -3.38 13.12
N VAL C 99 7.18 -3.28 13.82
CA VAL C 99 7.19 -3.24 15.27
C VAL C 99 7.73 -4.55 15.83
N TYR C 100 7.26 -5.67 15.30
CA TYR C 100 7.71 -6.98 15.77
C TYR C 100 9.14 -7.28 15.36
N GLN C 101 9.62 -6.71 14.24
CA GLN C 101 11.02 -6.86 13.89
C GLN C 101 11.90 -6.17 14.93
N GLU C 102 11.48 -5.01 15.42
CA GLU C 102 12.19 -4.34 16.51
C GLU C 102 12.15 -5.17 17.79
N PHE C 103 11.01 -5.73 18.14
CA PHE C 103 10.98 -6.62 19.30
C PHE C 103 12.03 -7.72 19.14
N ALA C 104 12.05 -8.37 17.98
CA ALA C 104 12.94 -9.51 17.75
C ALA C 104 14.40 -9.10 17.87
N ARG C 105 14.76 -7.90 17.41
CA ARG C 105 16.15 -7.45 17.54
C ARG C 105 16.54 -7.27 18.99
N GLN C 106 15.61 -6.75 19.81
CA GLN C 106 15.86 -6.53 21.23
C GLN C 106 15.90 -7.84 21.98
N ILE C 107 15.07 -8.80 21.59
CA ILE C 107 15.10 -10.12 22.21
C ILE C 107 16.46 -10.78 21.95
N GLY C 108 16.85 -10.83 20.69
CA GLY C 108 18.11 -11.42 20.30
C GLY C 108 17.99 -12.90 20.00
N GLU C 109 18.95 -13.42 19.23
CA GLU C 109 18.81 -14.80 18.77
C GLU C 109 18.91 -15.80 19.91
N ALA C 110 19.81 -15.59 20.87
CA ALA C 110 19.98 -16.59 21.92
C ALA C 110 18.71 -16.75 22.75
N ARG C 111 18.11 -15.63 23.18
CA ARG C 111 16.89 -15.74 23.98
C ARG C 111 15.71 -16.18 23.12
N MET C 112 15.65 -15.74 21.86
CA MET C 112 14.59 -16.18 20.96
C MET C 112 14.58 -17.69 20.82
N SER C 113 15.74 -18.28 20.49
CA SER C 113 15.86 -19.72 20.31
C SER C 113 15.50 -20.47 21.58
N LYS C 114 16.01 -19.99 22.72
CA LYS C 114 15.73 -20.63 23.99
C LYS C 114 14.25 -20.65 24.27
N MET C 115 13.56 -19.56 23.98
CA MET C 115 12.14 -19.48 24.25
C MET C 115 11.34 -20.44 23.38
N LEU C 116 11.67 -20.49 22.08
CA LEU C 116 10.91 -21.37 21.20
C LEU C 116 11.12 -22.84 21.55
N HIS C 117 12.34 -23.22 21.96
CA HIS C 117 12.52 -24.59 22.44
C HIS C 117 11.64 -24.89 23.64
N ALA C 118 11.65 -23.97 24.63
CA ALA C 118 10.80 -24.15 25.81
C ALA C 118 9.31 -24.22 25.44
N PHE C 119 8.90 -23.44 24.44
CA PHE C 119 7.52 -23.45 23.95
C PHE C 119 7.16 -24.69 23.12
N ASP C 120 8.13 -25.54 22.82
CA ASP C 120 7.94 -26.63 21.85
C ASP C 120 7.33 -26.13 20.56
N TYR C 121 7.76 -24.96 20.09
CA TYR C 121 7.10 -24.26 18.99
C TYR C 121 7.63 -24.74 17.64
N GLY C 122 6.81 -25.49 16.92
CA GLY C 122 7.12 -25.92 15.58
C GLY C 122 8.46 -26.65 15.55
N ASN C 123 9.27 -26.35 14.53
CA ASN C 123 10.58 -27.00 14.45
C ASN C 123 11.65 -26.29 15.26
N GLU C 124 11.30 -25.24 15.99
CA GLU C 124 12.17 -24.61 16.97
C GLU C 124 13.42 -24.01 16.34
N ASP C 125 13.38 -23.74 15.05
CA ASP C 125 14.54 -23.35 14.28
C ASP C 125 14.41 -21.88 13.90
N ILE C 126 15.33 -21.03 14.35
CA ILE C 126 15.29 -19.60 14.05
C ILE C 126 16.33 -19.18 13.01
N SER C 127 16.93 -20.14 12.29
CA SER C 127 17.98 -19.82 11.34
C SER C 127 17.53 -18.73 10.37
N GLY C 128 18.43 -17.81 10.09
CA GLY C 128 18.12 -16.65 9.31
C GLY C 128 18.36 -15.38 10.10
N ASN C 129 17.80 -14.27 9.60
CA ASN C 129 17.88 -13.02 10.33
C ASN C 129 16.93 -13.07 11.52
N VAL C 130 17.40 -12.56 12.66
CA VAL C 130 16.62 -12.61 13.89
C VAL C 130 15.32 -11.86 13.74
N ASP C 131 15.28 -10.84 12.87
CA ASP C 131 14.10 -10.02 12.71
C ASP C 131 13.31 -10.37 11.45
N SER C 132 13.61 -11.52 10.81
CA SER C 132 12.83 -11.94 9.65
C SER C 132 12.67 -13.45 9.51
N PHE C 133 13.16 -14.26 10.45
CA PHE C 133 13.17 -15.71 10.24
C PHE C 133 11.78 -16.30 10.08
N TRP C 134 10.75 -15.67 10.66
CA TRP C 134 9.37 -16.14 10.51
C TRP C 134 8.77 -15.79 9.16
N LEU C 135 9.47 -14.97 8.36
CA LEU C 135 9.06 -14.62 7.01
C LEU C 135 9.88 -15.34 5.96
N ASP C 136 11.17 -15.59 6.24
CA ASP C 136 12.01 -16.24 5.23
C ASP C 136 13.17 -17.03 5.80
N GLY C 137 13.13 -17.43 7.07
CA GLY C 137 14.13 -18.20 7.72
C GLY C 137 13.73 -19.65 7.82
N GLY C 138 14.25 -20.31 8.85
CA GLY C 138 14.15 -21.75 8.94
C GLY C 138 12.94 -22.25 9.72
N ILE C 139 12.20 -21.34 10.36
CA ILE C 139 11.12 -21.77 11.24
C ILE C 139 9.95 -22.29 10.42
N ARG C 140 9.39 -23.42 10.88
CA ARG C 140 8.24 -24.06 10.24
C ARG C 140 7.33 -24.61 11.33
N ILE C 141 6.03 -24.54 11.07
CA ILE C 141 5.03 -25.06 11.99
C ILE C 141 3.84 -25.55 11.17
N SER C 142 3.27 -26.68 11.59
CA SER C 142 2.05 -27.20 11.01
C SER C 142 0.81 -26.74 11.79
N ALA C 143 -0.35 -26.94 11.16
CA ALA C 143 -1.63 -26.62 11.81
C ALA C 143 -1.78 -27.35 13.15
N THR C 144 -1.45 -28.64 13.19
CA THR C 144 -1.60 -29.36 14.46
C THR C 144 -0.61 -28.85 15.51
N GLU C 145 0.59 -28.46 15.08
CA GLU C 145 1.58 -27.92 16.01
C GLU C 145 1.14 -26.55 16.53
N GLN C 146 0.43 -25.76 15.70
CA GLN C 146 -0.12 -24.49 16.18
C GLN C 146 -1.12 -24.73 17.31
N ILE C 147 -2.02 -25.70 17.12
CA ILE C 147 -2.99 -26.03 18.18
C ILE C 147 -2.28 -26.47 19.46
N SER C 148 -1.24 -27.32 19.35
CA SER C 148 -0.52 -27.73 20.55
C SER C 148 -0.02 -26.52 21.33
N PHE C 149 0.57 -25.56 20.62
CA PHE C 149 1.11 -24.37 21.26
C PHE C 149 -0.01 -23.51 21.86
N LEU C 150 -1.09 -23.30 21.10
CA LEU C 150 -2.18 -22.46 21.55
C LEU C 150 -2.80 -23.00 22.83
N ARG C 151 -2.94 -24.34 22.92
CA ARG C 151 -3.53 -24.94 24.11
C ARG C 151 -2.70 -24.61 25.36
N LYS C 152 -1.37 -24.62 25.23
CA LYS C 152 -0.54 -24.26 26.38
C LYS C 152 -0.81 -22.82 26.77
N LEU C 153 -0.90 -21.93 25.79
CA LEU C 153 -1.16 -20.54 26.09
C LEU C 153 -2.53 -20.34 26.75
N TYR C 154 -3.57 -21.03 26.25
CA TYR C 154 -4.90 -20.91 26.83
C TYR C 154 -4.87 -21.25 28.32
N HIS C 155 -4.12 -22.30 28.68
CA HIS C 155 -4.05 -22.81 30.04
C HIS C 155 -2.94 -22.19 30.89
N ASN C 156 -2.29 -21.13 30.40
CA ASN C 156 -1.18 -20.49 31.12
C ASN C 156 -0.08 -21.49 31.46
N LYS C 157 0.15 -22.45 30.59
CA LYS C 157 1.12 -23.50 30.86
C LYS C 157 2.47 -23.27 30.21
N LEU C 158 2.72 -22.13 29.57
CA LEU C 158 4.06 -21.79 29.11
C LEU C 158 4.93 -21.27 30.29
N HIS C 159 6.20 -21.33 30.15
CA HIS C 159 7.00 -20.90 31.19
C HIS C 159 7.10 -19.35 31.30
N VAL C 160 6.43 -18.43 30.50
CA VAL C 160 6.61 -17.07 30.74
C VAL C 160 5.60 -16.84 31.81
N SER C 161 5.67 -15.66 32.37
CA SER C 161 4.80 -15.35 33.48
C SER C 161 3.33 -15.48 33.07
N GLU C 162 2.51 -15.69 34.09
CA GLU C 162 1.06 -15.66 33.86
C GLU C 162 0.65 -14.33 33.26
N ARG C 163 1.23 -13.24 33.77
CA ARG C 163 0.89 -11.91 33.28
C ARG C 163 1.15 -11.79 31.79
N SER C 164 2.30 -12.26 31.30
CA SER C 164 2.63 -12.21 29.87
C SER C 164 1.60 -12.99 29.05
N GLN C 165 1.20 -14.15 29.55
CA GLN C 165 0.22 -14.95 28.84
C GLN C 165 -1.15 -14.27 28.80
N ARG C 166 -1.60 -13.70 29.91
CA ARG C 166 -2.85 -12.97 29.93
C ARG C 166 -2.81 -11.81 28.95
N ILE C 167 -1.72 -11.04 28.94
CA ILE C 167 -1.70 -9.85 28.08
C ILE C 167 -1.76 -10.26 26.61
N VAL C 168 -1.01 -11.29 26.22
CA VAL C 168 -1.07 -11.73 24.83
C VAL C 168 -2.47 -12.22 24.47
N LYS C 169 -3.15 -12.94 25.38
CA LYS C 169 -4.52 -13.38 25.11
C LYS C 169 -5.48 -12.19 24.95
N GLN C 170 -5.27 -11.12 25.72
CA GLN C 170 -6.04 -9.90 25.50
C GLN C 170 -5.76 -9.33 24.11
N ALA C 171 -4.47 -9.24 23.75
CA ALA C 171 -4.07 -8.68 22.46
C ALA C 171 -4.56 -9.51 21.27
N MET C 172 -4.83 -10.79 21.47
CA MET C 172 -5.37 -11.65 20.43
C MET C 172 -6.87 -11.49 20.21
N LEU C 173 -7.55 -10.72 21.07
CA LEU C 173 -8.98 -10.62 20.98
C LEU C 173 -9.37 -10.12 19.59
N THR C 174 -10.22 -10.88 18.93
CA THR C 174 -10.63 -10.63 17.56
C THR C 174 -12.12 -10.35 17.44
N GLU C 175 -12.95 -11.15 18.09
CA GLU C 175 -14.39 -11.00 18.02
C GLU C 175 -15.01 -11.45 19.34
N ALA C 176 -16.09 -10.79 19.76
CA ALA C 176 -16.80 -11.25 20.93
C ALA C 176 -18.26 -10.78 20.86
N ASN C 177 -19.15 -11.63 21.35
CA ASN C 177 -20.57 -11.33 21.46
C ASN C 177 -21.15 -12.27 22.51
N GLY C 178 -22.48 -12.30 22.60
CA GLY C 178 -23.16 -13.12 23.57
C GLY C 178 -23.14 -14.61 23.29
N ASP C 179 -22.62 -15.03 22.13
CA ASP C 179 -22.53 -16.44 21.76
C ASP C 179 -21.12 -17.01 21.84
N TYR C 180 -20.09 -16.20 21.59
CA TYR C 180 -18.73 -16.74 21.57
C TYR C 180 -17.72 -15.61 21.67
N ILE C 181 -16.46 -15.99 21.92
CA ILE C 181 -15.31 -15.10 21.88
C ILE C 181 -14.25 -15.80 21.04
N ILE C 182 -13.64 -15.06 20.09
CA ILE C 182 -12.53 -15.58 19.29
C ILE C 182 -11.28 -14.79 19.64
N ARG C 183 -10.22 -15.51 20.00
CA ARG C 183 -8.88 -14.96 20.16
C ARG C 183 -8.01 -15.66 19.12
N ALA C 184 -7.30 -14.87 18.31
CA ALA C 184 -6.69 -15.48 17.12
C ALA C 184 -5.70 -14.51 16.50
N LYS C 185 -4.92 -15.02 15.54
CA LYS C 185 -3.98 -14.22 14.77
C LYS C 185 -3.90 -14.76 13.35
N THR C 186 -3.92 -13.84 12.38
CA THR C 186 -3.77 -14.15 10.96
C THR C 186 -2.30 -14.23 10.58
N GLY C 187 -2.03 -14.93 9.48
CA GLY C 187 -0.70 -14.93 8.87
C GLY C 187 -0.78 -14.98 7.36
N TYR C 188 0.27 -14.46 6.71
CA TYR C 188 0.32 -14.43 5.25
C TYR C 188 1.76 -14.66 4.83
N SER C 189 2.07 -15.84 4.29
CA SER C 189 3.42 -16.19 3.89
C SER C 189 3.54 -16.20 2.36
N THR C 190 4.34 -15.29 1.85
CA THR C 190 4.56 -15.00 0.43
C THR C 190 6.00 -15.26 0.02
N ARG C 191 6.95 -14.86 0.88
CA ARG C 191 8.34 -14.78 0.48
C ARG C 191 8.88 -16.12 0.02
N ILE C 192 8.20 -17.22 0.32
CA ILE C 192 8.71 -18.54 0.00
C ILE C 192 7.57 -19.45 -0.44
N GLU C 193 7.77 -20.24 -1.49
CA GLU C 193 6.66 -21.06 -1.97
C GLU C 193 6.27 -22.30 -1.11
N PRO C 194 4.97 -22.61 -1.02
CA PRO C 194 3.69 -22.10 -1.55
C PRO C 194 3.14 -20.92 -0.75
N LYS C 195 2.60 -19.94 -1.47
CA LYS C 195 2.00 -18.80 -0.81
C LYS C 195 0.76 -19.28 -0.07
N ILE C 196 0.65 -18.96 1.23
CA ILE C 196 -0.46 -19.40 2.06
C ILE C 196 -0.96 -18.27 2.96
N GLY C 197 -2.21 -18.40 3.38
CA GLY C 197 -2.76 -17.63 4.48
C GLY C 197 -3.03 -18.53 5.65
N TRP C 198 -2.89 -18.00 6.86
CA TRP C 198 -3.15 -18.74 8.08
C TRP C 198 -4.22 -18.03 8.88
N TRP C 199 -4.98 -18.79 9.65
CA TRP C 199 -5.74 -18.23 10.78
C TRP C 199 -5.68 -19.27 11.89
N VAL C 200 -5.21 -18.84 13.05
CA VAL C 200 -5.06 -19.75 14.19
C VAL C 200 -5.55 -19.06 15.46
N GLY C 201 -6.11 -19.83 16.37
CA GLY C 201 -6.66 -19.29 17.61
C GLY C 201 -7.61 -20.26 18.26
N TRP C 202 -8.64 -19.68 18.91
CA TRP C 202 -9.66 -20.54 19.51
C TRP C 202 -10.95 -19.78 19.67
N VAL C 203 -12.02 -20.56 19.85
CA VAL C 203 -13.36 -20.08 20.13
C VAL C 203 -13.70 -20.47 21.56
N GLU C 204 -14.01 -19.49 22.39
CA GLU C 204 -14.43 -19.68 23.78
C GLU C 204 -15.96 -19.70 23.82
N LEU C 205 -16.51 -20.81 24.29
CA LEU C 205 -17.93 -20.99 24.57
C LEU C 205 -18.14 -20.96 26.09
N ASP C 206 -19.41 -20.95 26.50
CA ASP C 206 -19.70 -20.97 27.94
C ASP C 206 -19.05 -22.17 28.62
N ASP C 207 -19.11 -23.35 27.98
CA ASP C 207 -18.77 -24.62 28.61
C ASP C 207 -17.76 -25.44 27.81
N ASN C 208 -17.08 -24.83 26.84
CA ASN C 208 -16.07 -25.54 26.07
C ASN C 208 -15.19 -24.52 25.39
N VAL C 209 -14.04 -24.97 24.93
CA VAL C 209 -13.18 -24.19 24.05
C VAL C 209 -12.87 -25.05 22.83
N TRP C 210 -13.03 -24.47 21.63
CA TRP C 210 -12.63 -25.11 20.38
C TRP C 210 -11.41 -24.39 19.81
N PHE C 211 -10.29 -25.10 19.73
CA PHE C 211 -9.09 -24.55 19.14
C PHE C 211 -9.15 -24.76 17.64
N PHE C 212 -8.51 -23.85 16.88
CA PHE C 212 -8.51 -24.03 15.45
C PHE C 212 -7.18 -23.56 14.86
N ALA C 213 -6.82 -24.18 13.73
CA ALA C 213 -5.71 -23.72 12.92
C ALA C 213 -6.03 -24.05 11.48
N MET C 214 -5.97 -23.06 10.60
CA MET C 214 -6.22 -23.25 9.18
C MET C 214 -5.10 -22.61 8.39
N ASN C 215 -4.82 -23.20 7.22
CA ASN C 215 -4.08 -22.50 6.20
C ASN C 215 -4.64 -22.90 4.86
N MET C 216 -4.39 -22.04 3.88
CA MET C 216 -4.96 -22.19 2.56
C MET C 216 -4.00 -21.55 1.57
N ASP C 217 -4.03 -22.06 0.34
CA ASP C 217 -3.26 -21.42 -0.71
C ASP C 217 -3.77 -20.00 -0.95
N MET C 218 -2.84 -19.11 -1.20
CA MET C 218 -3.11 -17.68 -1.32
C MET C 218 -2.30 -17.12 -2.48
N PRO C 219 -2.71 -17.40 -3.72
CA PRO C 219 -1.89 -16.96 -4.86
C PRO C 219 -1.83 -15.46 -5.02
N THR C 220 -2.87 -14.74 -4.62
CA THR C 220 -2.83 -13.29 -4.50
C THR C 220 -3.41 -12.88 -3.16
N SER C 221 -3.16 -11.62 -2.80
CA SER C 221 -3.70 -11.08 -1.56
C SER C 221 -5.21 -10.89 -1.61
N ASP C 222 -5.81 -10.96 -2.80
CA ASP C 222 -7.27 -10.78 -2.93
C ASP C 222 -8.06 -11.73 -2.05
N GLY C 223 -7.52 -12.89 -1.75
CA GLY C 223 -8.27 -13.88 -1.00
C GLY C 223 -8.10 -13.87 0.50
N LEU C 224 -7.43 -12.85 1.07
CA LEU C 224 -7.09 -12.91 2.49
C LEU C 224 -8.32 -13.05 3.38
N GLY C 225 -9.42 -12.39 3.02
CA GLY C 225 -10.60 -12.52 3.83
C GLY C 225 -11.19 -13.92 3.88
N LEU C 226 -10.77 -14.80 2.98
CA LEU C 226 -11.27 -16.18 3.03
C LEU C 226 -10.73 -16.96 4.20
N ARG C 227 -9.60 -16.54 4.77
CA ARG C 227 -9.05 -17.22 5.93
C ARG C 227 -10.10 -17.30 7.03
N GLN C 228 -10.72 -16.18 7.37
CA GLN C 228 -11.75 -16.17 8.40
C GLN C 228 -13.04 -16.74 7.87
N ALA C 229 -13.40 -16.40 6.64
CA ALA C 229 -14.70 -16.78 6.12
C ALA C 229 -14.84 -18.29 6.09
N ILE C 230 -13.84 -18.99 5.54
CA ILE C 230 -13.92 -20.44 5.42
C ILE C 230 -13.89 -21.10 6.79
N THR C 231 -13.04 -20.60 7.69
CA THR C 231 -13.05 -21.10 9.06
C THR C 231 -14.43 -20.96 9.68
N LYS C 232 -15.06 -19.79 9.52
CA LYS C 232 -16.39 -19.60 10.12
C LYS C 232 -17.44 -20.51 9.48
N GLU C 233 -17.33 -20.78 8.19
CA GLU C 233 -18.25 -21.74 7.57
C GLU C 233 -18.13 -23.10 8.21
N VAL C 234 -16.91 -23.53 8.54
CA VAL C 234 -16.73 -24.81 9.23
C VAL C 234 -17.31 -24.74 10.63
N LEU C 235 -17.02 -23.66 11.37
CA LEU C 235 -17.52 -23.54 12.73
C LEU C 235 -19.04 -23.52 12.75
N LYS C 236 -19.65 -22.96 11.70
CA LYS C 236 -21.11 -22.92 11.64
C LYS C 236 -21.66 -24.29 11.32
N GLN C 237 -21.03 -25.00 10.35
CA GLN C 237 -21.47 -26.34 10.00
C GLN C 237 -21.49 -27.25 11.24
N GLU C 238 -20.43 -27.18 12.04
CA GLU C 238 -20.31 -27.97 13.24
C GLU C 238 -21.08 -27.40 14.43
N LYS C 239 -21.88 -26.36 14.24
CA LYS C 239 -22.76 -25.82 15.28
C LYS C 239 -21.98 -25.22 16.46
N ILE C 240 -20.72 -24.85 16.22
CA ILE C 240 -19.90 -24.26 17.28
C ILE C 240 -20.31 -22.81 17.50
N ILE C 241 -20.63 -22.12 16.41
CA ILE C 241 -21.17 -20.75 16.47
C ILE C 241 -22.44 -20.74 15.64
N PRO C 242 -23.36 -19.82 15.93
CA PRO C 242 -24.58 -19.76 15.11
C PRO C 242 -24.31 -19.23 13.71
N GLU D 1 -47.65 -3.89 9.49
CA GLU D 1 -47.22 -4.36 8.17
C GLU D 1 -45.73 -4.13 7.91
N TRP D 2 -45.10 -3.25 8.69
CA TRP D 2 -43.65 -3.08 8.63
C TRP D 2 -43.07 -3.07 10.03
N GLN D 3 -42.07 -3.91 10.25
CA GLN D 3 -41.44 -4.05 11.55
C GLN D 3 -39.96 -3.77 11.40
N GLU D 4 -39.40 -3.02 12.34
CA GLU D 4 -37.97 -2.74 12.35
C GLU D 4 -37.34 -3.64 13.39
N ASN D 5 -36.34 -4.41 12.98
CA ASN D 5 -35.61 -5.32 13.86
C ASN D 5 -34.14 -4.91 13.82
N LYS D 6 -33.75 -4.02 14.74
CA LYS D 6 -32.37 -3.55 14.76
C LYS D 6 -31.37 -4.61 15.18
N SER D 7 -31.80 -5.76 15.69
CA SER D 7 -30.85 -6.79 16.08
C SER D 7 -30.05 -7.31 14.90
N TRP D 8 -30.58 -7.17 13.67
CA TRP D 8 -29.84 -7.60 12.50
C TRP D 8 -28.57 -6.78 12.28
N ASN D 9 -28.48 -5.61 12.91
CA ASN D 9 -27.28 -4.80 12.75
C ASN D 9 -26.04 -5.50 13.25
N ALA D 10 -26.19 -6.46 14.17
CA ALA D 10 -25.06 -7.22 14.65
C ALA D 10 -24.34 -7.95 13.51
N HIS D 11 -25.07 -8.38 12.48
CA HIS D 11 -24.43 -9.03 11.35
C HIS D 11 -23.61 -8.03 10.54
N PHE D 12 -24.15 -6.83 10.32
CA PHE D 12 -23.38 -5.80 9.63
C PHE D 12 -22.14 -5.43 10.42
N THR D 13 -22.30 -5.16 11.72
CA THR D 13 -21.18 -4.59 12.46
C THR D 13 -20.10 -5.64 12.68
N GLU D 14 -20.44 -6.91 12.66
CA GLU D 14 -19.36 -7.89 12.76
C GLU D 14 -18.54 -8.00 11.49
N HIS D 15 -18.99 -7.46 10.37
CA HIS D 15 -18.17 -7.37 9.16
C HIS D 15 -17.80 -5.94 8.81
N LYS D 16 -17.76 -5.04 9.78
CA LYS D 16 -17.40 -3.65 9.50
C LYS D 16 -18.14 -3.10 8.28
N SER D 17 -19.46 -3.19 8.34
CA SER D 17 -20.29 -2.83 7.20
C SER D 17 -21.53 -2.11 7.69
N GLN D 18 -22.10 -1.34 6.77
CA GLN D 18 -23.34 -0.60 6.99
C GLN D 18 -24.28 -0.96 5.86
N GLY D 19 -25.55 -1.14 6.17
CA GLY D 19 -26.51 -1.42 5.11
C GLY D 19 -27.87 -1.80 5.66
N VAL D 20 -28.71 -2.29 4.75
CA VAL D 20 -30.09 -2.65 5.04
C VAL D 20 -30.39 -4.01 4.43
N VAL D 21 -31.10 -4.84 5.18
CA VAL D 21 -31.78 -6.01 4.64
C VAL D 21 -33.27 -5.77 4.79
N VAL D 22 -34.01 -6.04 3.74
CA VAL D 22 -35.47 -5.98 3.78
C VAL D 22 -36.02 -7.35 3.41
N LEU D 23 -36.87 -7.92 4.26
CA LEU D 23 -37.54 -9.18 4.00
C LEU D 23 -39.04 -8.95 3.90
N TRP D 24 -39.70 -9.73 3.05
CA TRP D 24 -41.15 -9.67 2.91
C TRP D 24 -41.71 -11.08 2.94
N ASN D 25 -42.57 -11.35 3.92
CA ASN D 25 -43.25 -12.62 4.07
C ASN D 25 -44.48 -12.60 3.17
N GLU D 26 -44.47 -13.37 2.09
CA GLU D 26 -45.57 -13.28 1.10
C GLU D 26 -46.88 -13.75 1.71
N ASN D 27 -46.84 -14.88 2.44
CA ASN D 27 -48.06 -15.42 3.04
C ASN D 27 -48.73 -14.40 3.93
N LYS D 28 -47.97 -13.80 4.86
CA LYS D 28 -48.54 -12.90 5.87
C LYS D 28 -48.60 -11.43 5.42
N GLN D 29 -48.05 -11.10 4.27
CA GLN D 29 -48.06 -9.73 3.77
C GLN D 29 -47.45 -8.78 4.81
N GLN D 30 -46.31 -9.19 5.37
CA GLN D 30 -45.61 -8.46 6.41
C GLN D 30 -44.14 -8.29 6.03
N GLY D 31 -43.59 -7.11 6.28
CA GLY D 31 -42.21 -6.81 5.95
C GLY D 31 -41.39 -6.54 7.20
N PHE D 32 -40.08 -6.79 7.09
CA PHE D 32 -39.16 -6.65 8.20
C PHE D 32 -37.88 -6.06 7.67
N THR D 33 -37.27 -5.18 8.46
CA THR D 33 -35.99 -4.61 8.06
C THR D 33 -35.25 -4.13 9.30
N ASN D 34 -33.92 -4.01 9.19
CA ASN D 34 -33.13 -3.39 10.24
C ASN D 34 -33.15 -1.86 10.21
N ASN D 35 -33.57 -1.23 9.08
CA ASN D 35 -33.47 0.21 8.91
C ASN D 35 -34.59 0.66 7.97
N LEU D 36 -35.71 1.11 8.54
CA LEU D 36 -36.87 1.47 7.74
C LEU D 36 -36.56 2.61 6.77
N LYS D 37 -35.79 3.61 7.21
CA LYS D 37 -35.46 4.72 6.31
C LYS D 37 -34.65 4.22 5.11
N ARG D 38 -33.59 3.45 5.37
CA ARG D 38 -32.73 2.99 4.27
C ARG D 38 -33.44 1.98 3.39
N ALA D 39 -34.37 1.20 3.96
CA ALA D 39 -35.14 0.27 3.14
C ALA D 39 -35.87 1.01 2.03
N ASN D 40 -36.19 2.29 2.23
CA ASN D 40 -36.89 3.08 1.25
C ASN D 40 -35.97 4.08 0.53
N GLN D 41 -34.66 4.02 0.73
CA GLN D 41 -33.75 4.95 0.06
C GLN D 41 -33.47 4.39 -1.32
N ALA D 42 -33.56 5.21 -2.34
CA ALA D 42 -33.45 4.77 -3.73
C ALA D 42 -32.03 4.97 -4.25
N PHE D 43 -31.47 3.91 -4.86
CA PHE D 43 -30.12 3.94 -5.40
C PHE D 43 -30.14 3.49 -6.86
N LEU D 44 -29.02 3.69 -7.54
CA LEU D 44 -28.87 3.09 -8.86
C LEU D 44 -28.93 1.57 -8.70
N PRO D 45 -29.59 0.86 -9.61
CA PRO D 45 -29.75 -0.60 -9.45
C PRO D 45 -28.55 -1.42 -9.85
N ALA D 46 -27.64 -0.83 -10.63
CA ALA D 46 -26.49 -1.52 -11.23
C ALA D 46 -26.96 -2.84 -11.83
N SER D 47 -26.26 -3.93 -11.55
CA SER D 47 -26.56 -5.15 -12.28
C SER D 47 -27.84 -5.84 -11.81
N THR D 48 -28.50 -5.35 -10.74
CA THR D 48 -29.83 -5.88 -10.50
C THR D 48 -30.76 -5.53 -11.64
N PHE D 49 -30.41 -4.51 -12.42
CA PHE D 49 -31.18 -4.16 -13.61
C PHE D 49 -31.19 -5.26 -14.68
N KCX D 50 -30.30 -6.23 -14.61
CA KCX D 50 -30.32 -7.31 -15.59
CB KCX D 50 -29.14 -8.25 -15.39
CG KCX D 50 -27.87 -7.53 -15.83
CD KCX D 50 -26.67 -8.48 -15.86
CE KCX D 50 -25.47 -7.79 -16.48
NZ KCX D 50 -24.98 -6.71 -15.64
C KCX D 50 -31.60 -8.09 -15.50
O KCX D 50 -31.96 -8.77 -16.49
CX KCX D 50 -25.25 -5.43 -15.90
OQ1 KCX D 50 -25.92 -5.07 -16.86
OQ2 KCX D 50 -24.76 -4.49 -15.07
H KCX D 50 -31.12 -6.05 -14.04
HA KCX D 50 -30.24 -6.89 -16.59
HB2 KCX D 50 -29.06 -8.53 -14.33
HB3 KCX D 50 -29.28 -9.16 -15.97
HG2 KCX D 50 -27.66 -6.71 -15.15
HG3 KCX D 50 -28.02 -7.12 -16.83
HD2 KCX D 50 -26.92 -9.37 -16.43
HD3 KCX D 50 -26.44 -8.79 -14.84
HE2 KCX D 50 -25.74 -7.38 -17.46
HE3 KCX D 50 -24.67 -8.51 -16.64
HZ KCX D 50 -24.42 -6.95 -14.83
HQ2 KCX D 50 -25.04 -3.62 -15.39
N ILE D 51 -32.30 -8.03 -14.37
CA ILE D 51 -33.60 -8.73 -14.27
C ILE D 51 -34.64 -8.09 -15.24
N PRO D 52 -34.99 -6.79 -15.10
CA PRO D 52 -35.92 -6.20 -16.09
C PRO D 52 -35.36 -6.18 -17.52
N ASN D 53 -34.04 -5.96 -17.68
CA ASN D 53 -33.45 -5.96 -19.02
C ASN D 53 -33.65 -7.33 -19.69
N SER D 54 -33.39 -8.41 -18.97
CA SER D 54 -33.59 -9.75 -19.52
C SER D 54 -35.04 -9.93 -19.95
N LEU D 55 -35.98 -9.58 -19.08
CA LEU D 55 -37.40 -9.75 -19.37
C LEU D 55 -37.78 -9.03 -20.66
N ILE D 56 -37.41 -7.75 -20.76
CA ILE D 56 -37.76 -6.93 -21.92
C ILE D 56 -37.14 -7.52 -23.18
N ALA D 57 -35.86 -7.90 -23.10
CA ALA D 57 -35.16 -8.43 -24.26
C ALA D 57 -35.81 -9.72 -24.72
N LEU D 58 -36.26 -10.55 -23.78
CA LEU D 58 -36.92 -11.80 -24.15
C LEU D 58 -38.27 -11.55 -24.77
N ASP D 59 -39.05 -10.62 -24.22
CA ASP D 59 -40.39 -10.39 -24.75
C ASP D 59 -40.34 -9.77 -26.14
N LEU D 60 -39.34 -8.95 -26.43
CA LEU D 60 -39.22 -8.31 -27.74
C LEU D 60 -38.51 -9.17 -28.77
N GLY D 61 -38.05 -10.37 -28.41
CA GLY D 61 -37.34 -11.20 -29.35
C GLY D 61 -35.88 -10.83 -29.53
N VAL D 62 -35.37 -9.88 -28.76
CA VAL D 62 -33.93 -9.58 -28.78
C VAL D 62 -33.14 -10.81 -28.36
N VAL D 63 -33.62 -11.51 -27.35
CA VAL D 63 -33.07 -12.81 -26.93
C VAL D 63 -34.11 -13.86 -27.29
N LYS D 64 -33.71 -14.84 -28.09
CA LYS D 64 -34.69 -15.82 -28.57
C LYS D 64 -35.02 -16.83 -27.47
N ASP D 65 -34.00 -17.36 -26.81
CA ASP D 65 -34.21 -18.25 -25.68
C ASP D 65 -32.96 -18.25 -24.81
N GLU D 66 -32.93 -19.12 -23.80
CA GLU D 66 -31.81 -19.16 -22.88
C GLU D 66 -30.59 -19.89 -23.44
N HIS D 67 -30.64 -20.40 -24.67
CA HIS D 67 -29.49 -21.06 -25.28
C HIS D 67 -28.79 -20.21 -26.32
N GLN D 68 -29.42 -19.15 -26.80
CA GLN D 68 -28.82 -18.31 -27.81
C GLN D 68 -27.48 -17.79 -27.33
N VAL D 69 -26.46 -17.91 -28.18
CA VAL D 69 -25.11 -17.52 -27.81
C VAL D 69 -24.87 -16.09 -28.27
N PHE D 70 -24.36 -15.26 -27.35
CA PHE D 70 -23.88 -13.93 -27.66
C PHE D 70 -22.37 -13.97 -27.65
N LYS D 71 -21.76 -13.85 -28.83
CA LYS D 71 -20.32 -14.04 -28.95
C LYS D 71 -19.56 -12.86 -28.37
N TRP D 72 -18.44 -13.19 -27.73
CA TRP D 72 -17.51 -12.17 -27.26
C TRP D 72 -17.13 -11.26 -28.43
N ASP D 73 -17.10 -9.95 -28.17
CA ASP D 73 -16.70 -8.96 -29.16
C ASP D 73 -15.19 -8.83 -29.28
N GLY D 74 -14.41 -9.55 -28.46
CA GLY D 74 -12.96 -9.55 -28.56
C GLY D 74 -12.25 -8.53 -27.69
N GLN D 75 -12.96 -7.53 -27.18
CA GLN D 75 -12.38 -6.57 -26.26
C GLN D 75 -12.13 -7.27 -24.92
N THR D 76 -10.87 -7.29 -24.48
CA THR D 76 -10.52 -7.83 -23.17
C THR D 76 -10.89 -6.83 -22.10
N ARG D 77 -11.74 -7.24 -21.18
CA ARG D 77 -12.18 -6.40 -20.08
C ARG D 77 -11.63 -6.95 -18.77
N ASP D 78 -11.79 -6.15 -17.71
CA ASP D 78 -11.17 -6.45 -16.42
C ASP D 78 -11.62 -7.81 -15.89
N ILE D 79 -12.89 -8.13 -16.02
CA ILE D 79 -13.45 -9.34 -15.42
C ILE D 79 -13.25 -10.52 -16.40
N ALA D 80 -12.46 -11.51 -15.98
CA ALA D 80 -12.03 -12.55 -16.91
C ALA D 80 -13.20 -13.37 -17.48
N THR D 81 -14.23 -13.61 -16.67
CA THR D 81 -15.39 -14.40 -17.12
C THR D 81 -16.13 -13.73 -18.27
N TRP D 82 -15.93 -12.42 -18.48
CA TRP D 82 -16.62 -11.70 -19.53
C TRP D 82 -15.99 -11.94 -20.89
N ASN D 83 -14.76 -12.43 -20.92
CA ASN D 83 -14.00 -12.50 -22.17
C ASN D 83 -14.23 -13.81 -22.91
N ARG D 84 -15.51 -14.13 -23.11
CA ARG D 84 -15.89 -15.37 -23.73
C ARG D 84 -17.36 -15.29 -24.14
N ASP D 85 -17.78 -16.27 -24.93
CA ASP D 85 -19.15 -16.34 -25.39
C ASP D 85 -20.09 -16.66 -24.23
N HIS D 86 -21.32 -16.14 -24.31
CA HIS D 86 -22.29 -16.33 -23.23
C HIS D 86 -23.68 -16.66 -23.75
N ASN D 87 -24.48 -17.25 -22.88
CA ASN D 87 -25.93 -17.30 -23.10
C ASN D 87 -26.59 -16.54 -21.96
N LEU D 88 -27.93 -16.59 -21.90
CA LEU D 88 -28.63 -15.82 -20.88
C LEU D 88 -28.28 -16.30 -19.49
N ILE D 89 -28.17 -17.63 -19.31
CA ILE D 89 -27.88 -18.20 -18.00
C ILE D 89 -26.53 -17.71 -17.50
N THR D 90 -25.52 -17.79 -18.38
CA THR D 90 -24.16 -17.48 -17.91
C THR D 90 -23.92 -15.97 -17.91
N ALA D 91 -24.63 -15.22 -18.76
CA ALA D 91 -24.56 -13.76 -18.72
C ALA D 91 -25.13 -13.21 -17.42
N MET D 92 -26.16 -13.86 -16.86
CA MET D 92 -26.66 -13.49 -15.54
C MET D 92 -25.69 -13.93 -14.44
N LYS D 93 -25.28 -15.21 -14.48
CA LYS D 93 -24.38 -15.75 -13.48
C LYS D 93 -23.12 -14.90 -13.32
N TYR D 94 -22.52 -14.51 -14.43
CA TYR D 94 -21.26 -13.75 -14.37
C TYR D 94 -21.46 -12.25 -14.52
N SER D 95 -22.71 -11.79 -14.51
CA SER D 95 -23.07 -10.36 -14.60
C SER D 95 -22.34 -9.67 -15.74
N VAL D 96 -22.61 -10.12 -16.96
CA VAL D 96 -21.78 -9.76 -18.12
C VAL D 96 -22.34 -8.46 -18.70
N VAL D 97 -21.86 -7.33 -18.15
CA VAL D 97 -22.34 -6.01 -18.58
C VAL D 97 -22.38 -5.82 -20.09
N PRO D 98 -21.29 -6.07 -20.83
CA PRO D 98 -21.34 -5.76 -22.28
C PRO D 98 -22.40 -6.51 -23.04
N VAL D 99 -22.76 -7.72 -22.59
CA VAL D 99 -23.89 -8.42 -23.21
C VAL D 99 -25.19 -7.65 -22.98
N TYR D 100 -25.39 -7.16 -21.75
CA TYR D 100 -26.63 -6.44 -21.46
C TYR D 100 -26.63 -5.04 -22.04
N GLN D 101 -25.45 -4.46 -22.23
CA GLN D 101 -25.37 -3.19 -22.95
C GLN D 101 -25.86 -3.34 -24.38
N GLU D 102 -25.48 -4.42 -25.06
CA GLU D 102 -25.97 -4.65 -26.42
C GLU D 102 -27.48 -4.87 -26.43
N PHE D 103 -27.99 -5.69 -25.50
CA PHE D 103 -29.45 -5.83 -25.36
C PHE D 103 -30.12 -4.47 -25.31
N ALA D 104 -29.61 -3.60 -24.44
CA ALA D 104 -30.26 -2.30 -24.21
C ALA D 104 -30.28 -1.46 -25.48
N ARG D 105 -29.21 -1.51 -26.26
CA ARG D 105 -29.14 -0.77 -27.52
C ARG D 105 -30.16 -1.30 -28.53
N GLN D 106 -30.33 -2.62 -28.60
CA GLN D 106 -31.32 -3.19 -29.52
C GLN D 106 -32.74 -2.88 -29.04
N ILE D 107 -32.96 -2.89 -27.72
CA ILE D 107 -34.27 -2.52 -27.19
C ILE D 107 -34.61 -1.08 -27.57
N GLY D 108 -33.67 -0.16 -27.36
CA GLY D 108 -33.92 1.25 -27.65
C GLY D 108 -34.63 2.00 -26.54
N GLU D 109 -34.39 3.31 -26.48
CA GLU D 109 -34.88 4.10 -25.35
C GLU D 109 -36.41 4.14 -25.30
N ALA D 110 -37.08 4.25 -26.45
CA ALA D 110 -38.54 4.32 -26.43
C ALA D 110 -39.14 3.07 -25.79
N ARG D 111 -38.71 1.89 -26.25
CA ARG D 111 -39.28 0.66 -25.71
C ARG D 111 -38.82 0.42 -24.28
N MET D 112 -37.55 0.69 -23.98
CA MET D 112 -37.07 0.57 -22.61
C MET D 112 -37.90 1.41 -21.64
N SER D 113 -38.19 2.66 -22.02
CA SER D 113 -38.96 3.54 -21.13
C SER D 113 -40.39 3.05 -20.98
N LYS D 114 -41.00 2.63 -22.08
CA LYS D 114 -42.38 2.17 -22.01
C LYS D 114 -42.48 0.95 -21.10
N MET D 115 -41.49 0.05 -21.19
CA MET D 115 -41.53 -1.16 -20.38
C MET D 115 -41.35 -0.87 -18.90
N LEU D 116 -40.39 -0.04 -18.52
CA LEU D 116 -40.21 0.29 -17.11
C LEU D 116 -41.43 0.99 -16.52
N HIS D 117 -42.12 1.83 -17.31
CA HIS D 117 -43.36 2.40 -16.79
C HIS D 117 -44.38 1.31 -16.52
N ALA D 118 -44.56 0.40 -17.49
CA ALA D 118 -45.45 -0.74 -17.32
C ALA D 118 -45.07 -1.56 -16.09
N PHE D 119 -43.77 -1.76 -15.85
CA PHE D 119 -43.30 -2.50 -14.68
C PHE D 119 -43.45 -1.73 -13.36
N ASP D 120 -43.78 -0.43 -13.40
CA ASP D 120 -43.78 0.40 -12.20
C ASP D 120 -42.43 0.32 -11.48
N TYR D 121 -41.36 0.37 -12.26
CA TYR D 121 -40.01 0.06 -11.75
C TYR D 121 -39.35 1.34 -11.22
N GLY D 122 -39.17 1.40 -9.90
CA GLY D 122 -38.43 2.49 -9.30
C GLY D 122 -38.97 3.85 -9.68
N ASN D 123 -38.07 4.78 -10.00
CA ASN D 123 -38.50 6.09 -10.48
C ASN D 123 -38.74 6.16 -11.98
N GLU D 124 -38.61 5.04 -12.70
CA GLU D 124 -39.01 4.93 -14.10
C GLU D 124 -38.21 5.86 -15.03
N ASP D 125 -37.05 6.35 -14.59
CA ASP D 125 -36.32 7.39 -15.30
C ASP D 125 -35.11 6.73 -15.95
N ILE D 126 -35.10 6.69 -17.28
CA ILE D 126 -33.97 6.13 -18.01
C ILE D 126 -33.00 7.19 -18.52
N SER D 127 -33.10 8.46 -18.07
CA SER D 127 -32.20 9.51 -18.50
C SER D 127 -30.76 9.06 -18.39
N GLY D 128 -29.98 9.45 -19.41
CA GLY D 128 -28.62 8.96 -19.55
C GLY D 128 -28.46 8.14 -20.81
N ASN D 129 -27.32 7.47 -20.90
CA ASN D 129 -27.10 6.62 -22.06
C ASN D 129 -28.02 5.44 -22.01
N VAL D 130 -28.59 5.08 -23.18
CA VAL D 130 -29.49 3.93 -23.24
C VAL D 130 -28.78 2.68 -22.74
N ASP D 131 -27.47 2.60 -22.95
CA ASP D 131 -26.72 1.42 -22.58
C ASP D 131 -25.93 1.58 -21.30
N SER D 132 -26.21 2.60 -20.49
CA SER D 132 -25.58 2.66 -19.18
C SER D 132 -26.41 3.33 -18.10
N PHE D 133 -27.67 3.67 -18.38
CA PHE D 133 -28.42 4.45 -17.40
C PHE D 133 -28.55 3.72 -16.08
N TRP D 134 -28.51 2.39 -16.07
CA TRP D 134 -28.62 1.70 -14.79
C TRP D 134 -27.31 1.71 -14.01
N LEU D 135 -26.22 2.22 -14.59
CA LEU D 135 -24.92 2.34 -13.96
C LEU D 135 -24.55 3.77 -13.60
N ASP D 136 -24.93 4.72 -14.44
CA ASP D 136 -24.58 6.10 -14.17
C ASP D 136 -25.62 7.10 -14.67
N GLY D 137 -26.86 6.66 -14.92
CA GLY D 137 -27.92 7.52 -15.36
C GLY D 137 -28.84 7.92 -14.24
N GLY D 138 -30.07 8.26 -14.61
CA GLY D 138 -31.09 8.80 -13.74
C GLY D 138 -32.00 7.83 -13.02
N ILE D 139 -31.86 6.54 -13.26
CA ILE D 139 -32.79 5.58 -12.69
C ILE D 139 -32.42 5.33 -11.22
N ARG D 140 -33.43 5.28 -10.36
CA ARG D 140 -33.28 5.02 -8.93
C ARG D 140 -34.37 4.06 -8.45
N ILE D 141 -33.99 3.15 -7.55
CA ILE D 141 -34.92 2.19 -6.98
C ILE D 141 -34.50 1.85 -5.55
N SER D 142 -35.48 1.72 -4.68
CA SER D 142 -35.24 1.36 -3.29
C SER D 142 -35.34 -0.15 -3.12
N ALA D 143 -34.89 -0.61 -1.95
CA ALA D 143 -35.04 -2.02 -1.61
C ALA D 143 -36.51 -2.44 -1.60
N THR D 144 -37.39 -1.64 -0.99
CA THR D 144 -38.80 -2.02 -0.97
C THR D 144 -39.42 -2.03 -2.36
N GLU D 145 -38.99 -1.11 -3.23
CA GLU D 145 -39.43 -1.12 -4.62
C GLU D 145 -38.88 -2.32 -5.39
N GLN D 146 -37.67 -2.78 -5.07
CA GLN D 146 -37.18 -4.01 -5.68
C GLN D 146 -38.11 -5.16 -5.35
N ILE D 147 -38.48 -5.29 -4.07
CA ILE D 147 -39.41 -6.33 -3.67
C ILE D 147 -40.74 -6.20 -4.41
N SER D 148 -41.29 -4.98 -4.52
CA SER D 148 -42.56 -4.85 -5.23
C SER D 148 -42.46 -5.39 -6.64
N PHE D 149 -41.36 -5.06 -7.33
CA PHE D 149 -41.16 -5.55 -8.69
C PHE D 149 -40.99 -7.06 -8.71
N LEU D 150 -40.21 -7.59 -7.77
CA LEU D 150 -39.95 -9.02 -7.74
C LEU D 150 -41.22 -9.84 -7.47
N ARG D 151 -42.11 -9.33 -6.63
CA ARG D 151 -43.39 -10.00 -6.37
C ARG D 151 -44.19 -10.16 -7.66
N LYS D 152 -44.23 -9.13 -8.49
CA LYS D 152 -44.95 -9.25 -9.74
C LYS D 152 -44.34 -10.31 -10.64
N LEU D 153 -43.00 -10.32 -10.74
CA LEU D 153 -42.31 -11.34 -11.54
C LEU D 153 -42.60 -12.74 -11.02
N TYR D 154 -42.51 -12.94 -9.71
CA TYR D 154 -42.82 -14.25 -9.14
C TYR D 154 -44.20 -14.74 -9.56
N HIS D 155 -45.20 -13.85 -9.56
CA HIS D 155 -46.58 -14.23 -9.84
C HIS D 155 -46.96 -14.15 -11.31
N ASN D 156 -45.99 -13.91 -12.18
CA ASN D 156 -46.21 -13.80 -13.62
C ASN D 156 -47.14 -12.64 -13.98
N LYS D 157 -47.12 -11.59 -13.17
CA LYS D 157 -48.06 -10.48 -13.32
C LYS D 157 -47.48 -9.29 -14.08
N LEU D 158 -46.21 -9.34 -14.46
CA LEU D 158 -45.65 -8.25 -15.25
C LEU D 158 -46.21 -8.31 -16.67
N HIS D 159 -46.18 -7.16 -17.35
CA HIS D 159 -46.76 -7.03 -18.68
C HIS D 159 -45.75 -7.41 -19.76
N VAL D 160 -45.31 -8.67 -19.65
CA VAL D 160 -44.61 -9.39 -20.70
C VAL D 160 -45.17 -10.81 -20.67
N SER D 161 -44.72 -11.67 -21.58
CA SER D 161 -45.36 -12.99 -21.68
C SER D 161 -44.97 -13.86 -20.51
N GLU D 162 -45.80 -14.86 -20.25
CA GLU D 162 -45.50 -15.82 -19.20
C GLU D 162 -44.16 -16.48 -19.48
N ARG D 163 -43.91 -16.85 -20.73
CA ARG D 163 -42.67 -17.50 -21.10
C ARG D 163 -41.47 -16.64 -20.74
N SER D 164 -41.52 -15.34 -21.04
CA SER D 164 -40.40 -14.46 -20.69
C SER D 164 -40.14 -14.49 -19.19
N GLN D 165 -41.22 -14.40 -18.39
CA GLN D 165 -41.04 -14.42 -16.94
C GLN D 165 -40.48 -15.76 -16.46
N ARG D 166 -40.93 -16.87 -17.05
CA ARG D 166 -40.40 -18.17 -16.65
C ARG D 166 -38.91 -18.29 -16.95
N ILE D 167 -38.48 -17.85 -18.15
CA ILE D 167 -37.07 -17.93 -18.55
C ILE D 167 -36.18 -17.07 -17.63
N VAL D 168 -36.61 -15.84 -17.34
CA VAL D 168 -35.82 -15.00 -16.43
C VAL D 168 -35.68 -15.63 -15.06
N LYS D 169 -36.74 -16.27 -14.56
CA LYS D 169 -36.64 -16.82 -13.22
C LYS D 169 -35.74 -18.04 -13.19
N GLN D 170 -35.74 -18.82 -14.26
CA GLN D 170 -34.73 -19.86 -14.43
C GLN D 170 -33.33 -19.25 -14.41
N ALA D 171 -33.14 -18.14 -15.11
CA ALA D 171 -31.82 -17.52 -15.24
C ALA D 171 -31.35 -16.88 -13.93
N MET D 172 -32.29 -16.57 -13.02
CA MET D 172 -31.97 -16.06 -11.70
C MET D 172 -31.59 -17.14 -10.72
N LEU D 173 -31.69 -18.41 -11.09
CA LEU D 173 -31.43 -19.47 -10.13
C LEU D 173 -30.02 -19.28 -9.60
N THR D 174 -29.90 -19.25 -8.26
CA THR D 174 -28.62 -19.02 -7.60
C THR D 174 -28.20 -20.18 -6.72
N GLU D 175 -29.11 -20.72 -5.92
CA GLU D 175 -28.80 -21.81 -5.01
C GLU D 175 -30.07 -22.62 -4.79
N ALA D 176 -29.91 -23.93 -4.61
CA ALA D 176 -31.05 -24.79 -4.36
C ALA D 176 -30.56 -26.03 -3.61
N ASN D 177 -31.39 -26.51 -2.71
CA ASN D 177 -31.10 -27.71 -1.93
C ASN D 177 -32.43 -28.17 -1.37
N GLY D 178 -32.37 -29.18 -0.48
CA GLY D 178 -33.57 -29.74 0.10
C GLY D 178 -34.30 -28.83 1.06
N ASP D 179 -33.73 -27.68 1.41
CA ASP D 179 -34.30 -26.78 2.38
C ASP D 179 -34.87 -25.50 1.77
N TYR D 180 -34.28 -25.01 0.68
CA TYR D 180 -34.72 -23.75 0.07
C TYR D 180 -34.22 -23.65 -1.37
N ILE D 181 -34.81 -22.71 -2.12
CA ILE D 181 -34.36 -22.28 -3.44
C ILE D 181 -34.20 -20.76 -3.39
N ILE D 182 -33.05 -20.26 -3.87
CA ILE D 182 -32.84 -18.82 -4.00
C ILE D 182 -32.74 -18.45 -5.47
N ARG D 183 -33.61 -17.56 -5.89
CA ARG D 183 -33.55 -16.86 -7.18
C ARG D 183 -33.23 -15.41 -6.88
N ALA D 184 -32.19 -14.87 -7.52
CA ALA D 184 -31.67 -13.57 -7.12
C ALA D 184 -30.66 -13.05 -8.14
N LYS D 185 -30.30 -11.78 -7.96
CA LYS D 185 -29.33 -11.09 -8.78
C LYS D 185 -28.58 -10.08 -7.91
N THR D 186 -27.27 -10.06 -8.09
CA THR D 186 -26.42 -9.12 -7.37
C THR D 186 -26.30 -7.83 -8.16
N GLY D 187 -25.91 -6.77 -7.46
CA GLY D 187 -25.57 -5.51 -8.11
C GLY D 187 -24.44 -4.82 -7.38
N TYR D 188 -23.69 -4.00 -8.12
CA TYR D 188 -22.53 -3.30 -7.55
C TYR D 188 -22.46 -1.95 -8.26
N SER D 189 -22.78 -0.87 -7.52
CA SER D 189 -22.86 0.47 -8.10
C SER D 189 -21.61 1.25 -7.68
N THR D 190 -20.72 1.55 -8.65
CA THR D 190 -19.43 2.17 -8.41
C THR D 190 -19.27 3.52 -9.09
N ARG D 191 -20.07 3.81 -10.13
CA ARG D 191 -19.79 4.95 -11.00
C ARG D 191 -20.30 6.25 -10.42
N ILE D 192 -21.26 6.19 -9.51
CA ILE D 192 -21.80 7.39 -8.88
C ILE D 192 -21.96 7.11 -7.39
N GLU D 193 -21.51 8.04 -6.56
CA GLU D 193 -21.54 7.87 -5.12
C GLU D 193 -22.99 7.86 -4.61
N PRO D 194 -23.25 7.08 -3.54
CA PRO D 194 -22.32 6.24 -2.80
C PRO D 194 -22.17 4.88 -3.48
N LYS D 195 -20.95 4.34 -3.40
CA LYS D 195 -20.71 2.99 -3.90
C LYS D 195 -21.43 2.00 -2.99
N ILE D 196 -22.26 1.14 -3.58
CA ILE D 196 -23.04 0.17 -2.83
C ILE D 196 -23.01 -1.17 -3.55
N GLY D 197 -23.37 -2.19 -2.80
CA GLY D 197 -23.67 -3.50 -3.34
C GLY D 197 -25.13 -3.83 -3.06
N TRP D 198 -25.71 -4.63 -3.94
CA TRP D 198 -27.08 -5.09 -3.82
C TRP D 198 -27.13 -6.61 -3.87
N TRP D 199 -28.13 -7.19 -3.23
CA TRP D 199 -28.60 -8.54 -3.55
C TRP D 199 -30.11 -8.53 -3.40
N VAL D 200 -30.82 -8.91 -4.46
CA VAL D 200 -32.27 -8.91 -4.46
C VAL D 200 -32.79 -10.20 -5.08
N GLY D 201 -33.91 -10.69 -4.55
CA GLY D 201 -34.53 -11.90 -5.07
C GLY D 201 -35.51 -12.48 -4.09
N TRP D 202 -35.56 -13.80 -4.00
CA TRP D 202 -36.45 -14.42 -3.04
C TRP D 202 -35.96 -15.80 -2.68
N VAL D 203 -36.50 -16.30 -1.57
CA VAL D 203 -36.26 -17.64 -1.07
C VAL D 203 -37.58 -18.39 -1.18
N GLU D 204 -37.59 -19.44 -1.98
CA GLU D 204 -38.75 -20.32 -2.07
C GLU D 204 -38.65 -21.41 -1.00
N LEU D 205 -39.65 -21.47 -0.14
CA LEU D 205 -39.87 -22.57 0.79
C LEU D 205 -41.02 -23.44 0.29
N ASP D 206 -41.19 -24.58 0.97
CA ASP D 206 -42.30 -25.47 0.64
C ASP D 206 -43.63 -24.73 0.67
N ASP D 207 -43.83 -23.87 1.67
CA ASP D 207 -45.17 -23.34 1.95
C ASP D 207 -45.16 -21.82 2.08
N ASN D 208 -44.14 -21.15 1.58
CA ASN D 208 -44.13 -19.69 1.62
C ASN D 208 -42.99 -19.22 0.74
N VAL D 209 -42.97 -17.92 0.49
CA VAL D 209 -41.89 -17.27 -0.23
C VAL D 209 -41.51 -16.01 0.53
N TRP D 210 -40.21 -15.85 0.80
CA TRP D 210 -39.66 -14.65 1.45
C TRP D 210 -38.90 -13.88 0.39
N PHE D 211 -39.43 -12.75 -0.01
CA PHE D 211 -38.74 -11.84 -0.90
C PHE D 211 -37.73 -11.02 -0.09
N PHE D 212 -36.62 -10.69 -0.72
CA PHE D 212 -35.58 -9.92 -0.04
C PHE D 212 -34.94 -8.93 -0.99
N ALA D 213 -34.40 -7.88 -0.39
CA ALA D 213 -33.56 -6.93 -1.08
C ALA D 213 -32.66 -6.32 -0.03
N MET D 214 -31.37 -6.30 -0.30
CA MET D 214 -30.38 -5.74 0.59
C MET D 214 -29.48 -4.83 -0.21
N ASN D 215 -29.04 -3.76 0.43
CA ASN D 215 -27.89 -3.01 -0.06
C ASN D 215 -27.01 -2.65 1.12
N MET D 216 -25.73 -2.43 0.81
CA MET D 216 -24.74 -2.08 1.81
C MET D 216 -23.70 -1.19 1.15
N ASP D 217 -23.07 -0.33 1.96
CA ASP D 217 -21.95 0.45 1.45
C ASP D 217 -20.82 -0.48 1.05
N MET D 218 -20.19 -0.17 -0.08
CA MET D 218 -19.18 -1.03 -0.69
C MET D 218 -18.04 -0.15 -1.18
N PRO D 219 -17.19 0.33 -0.25
CA PRO D 219 -16.09 1.23 -0.65
C PRO D 219 -15.01 0.57 -1.51
N THR D 220 -14.81 -0.74 -1.38
CA THR D 220 -13.95 -1.51 -2.26
C THR D 220 -14.67 -2.79 -2.65
N SER D 221 -14.13 -3.48 -3.67
CA SER D 221 -14.67 -4.76 -4.13
C SER D 221 -14.33 -5.90 -3.19
N ASP D 222 -13.50 -5.67 -2.17
CA ASP D 222 -13.15 -6.74 -1.23
C ASP D 222 -14.37 -7.28 -0.50
N GLY D 223 -15.44 -6.48 -0.38
CA GLY D 223 -16.58 -6.87 0.42
C GLY D 223 -17.75 -7.44 -0.35
N LEU D 224 -17.60 -7.75 -1.65
CA LEU D 224 -18.75 -8.18 -2.44
C LEU D 224 -19.42 -9.42 -1.86
N GLY D 225 -18.66 -10.35 -1.29
CA GLY D 225 -19.26 -11.56 -0.75
C GLY D 225 -20.15 -11.34 0.44
N LEU D 226 -20.01 -10.18 1.10
CA LEU D 226 -20.89 -9.85 2.23
C LEU D 226 -22.33 -9.63 1.78
N ARG D 227 -22.56 -9.30 0.50
CA ARG D 227 -23.93 -9.09 0.05
C ARG D 227 -24.78 -10.34 0.32
N GLN D 228 -24.25 -11.52 -0.04
CA GLN D 228 -24.93 -12.78 0.23
C GLN D 228 -24.72 -13.20 1.67
N ALA D 229 -23.52 -13.01 2.22
CA ALA D 229 -23.23 -13.54 3.55
C ALA D 229 -24.13 -12.89 4.60
N ILE D 230 -24.25 -11.55 4.56
CA ILE D 230 -25.05 -10.88 5.57
C ILE D 230 -26.52 -11.22 5.41
N THR D 231 -27.01 -11.25 4.16
CA THR D 231 -28.39 -11.66 3.92
C THR D 231 -28.67 -13.02 4.54
N LYS D 232 -27.76 -13.98 4.32
CA LYS D 232 -27.98 -15.34 4.81
C LYS D 232 -27.97 -15.39 6.33
N GLU D 233 -27.12 -14.57 6.97
CA GLU D 233 -27.12 -14.49 8.42
C GLU D 233 -28.47 -14.02 8.94
N VAL D 234 -29.10 -13.07 8.23
CA VAL D 234 -30.43 -12.60 8.60
C VAL D 234 -31.47 -13.70 8.37
N LEU D 235 -31.37 -14.39 7.23
CA LEU D 235 -32.30 -15.49 6.97
C LEU D 235 -32.17 -16.58 8.02
N LYS D 236 -30.92 -16.91 8.42
CA LYS D 236 -30.72 -17.91 9.47
C LYS D 236 -31.32 -17.46 10.79
N GLN D 237 -31.02 -16.22 11.20
CA GLN D 237 -31.57 -15.73 12.46
C GLN D 237 -33.09 -15.81 12.48
N GLU D 238 -33.73 -15.50 11.35
CA GLU D 238 -35.18 -15.53 11.29
C GLU D 238 -35.74 -16.93 11.00
N LYS D 239 -34.88 -17.95 11.01
CA LYS D 239 -35.27 -19.34 10.87
C LYS D 239 -35.83 -19.67 9.49
N ILE D 240 -35.55 -18.82 8.49
CA ILE D 240 -36.04 -19.04 7.14
C ILE D 240 -35.22 -20.10 6.44
N ILE D 241 -33.93 -20.15 6.73
CA ILE D 241 -33.04 -21.19 6.24
C ILE D 241 -32.34 -21.77 7.46
N PRO D 242 -31.92 -23.04 7.45
CA PRO D 242 -31.15 -23.66 8.52
C PRO D 242 -29.76 -23.08 8.68
C10 A1EKC E . 7.16 21.49 17.52
C11 A1EKC E . 7.74 22.70 17.75
C14 A1EKC E . 11.11 26.04 16.80
C13 A1EKC E . 8.33 23.35 16.70
C15 A1EKC E . 10.83 27.06 17.48
C16 A1EKC E . 12.15 26.15 15.74
C01 A1EKC E . 10.54 24.22 18.49
C02 A1EKC E . 10.44 24.65 17.03
C03 A1EKC E . 9.03 24.70 16.63
O04 A1EKC E . 9.08 25.04 15.22
B05 A1EKC E . 8.99 23.82 14.51
O06 A1EKC E . 10.13 23.57 13.85
C07 A1EKC E . 8.27 22.85 15.49
C08 A1EKC E . 7.69 21.63 15.26
C09 A1EKC E . 7.13 20.96 16.29
F12 A1EKC E . 7.82 23.27 18.96
O17 A1EKC E . 12.34 25.20 15.03
O18 A1EKC E . 12.80 27.19 15.64
H101 A1EKC E . 6.77 21.03 18.22
H151 A1EKC E . 11.26 27.86 17.32
H152 A1EKC E . 10.20 27.02 18.14
H013 A1EKC E . 11.44 24.12 18.72
H012 A1EKC E . 10.12 23.40 18.59
H011 A1EKC E . 10.14 24.86 19.03
H021 A1EKC E . 10.88 24.01 16.51
H031 A1EKC E . 8.56 25.34 17.11
H061 A1EKC E . 10.29 22.77 13.85
H081 A1EKC E . 7.66 21.27 14.42
H091 A1EKC E . 6.74 20.15 16.13
C10 A1EKC F . 12.56 -9.76 -5.40
C11 A1EKC F . 12.62 -10.07 -6.71
C14 A1EKC F . 13.06 -8.96 -11.38
C13 A1EKC F . 13.40 -9.29 -7.54
C15 A1EKC F . 13.15 -10.05 -12.00
C16 A1EKC F . 13.39 -7.70 -12.11
C01 A1EKC F . 11.26 -9.65 -9.75
C02 A1EKC F . 12.60 -8.89 -9.92
C03 A1EKC F . 13.70 -9.40 -9.03
O04 A1EKC F . 14.88 -8.61 -9.22
B05 A1EKC F . 14.87 -7.60 -8.25
O06 A1EKC F . 14.62 -6.42 -8.81
C07 A1EKC F . 14.10 -8.26 -7.06
C08 A1EKC F . 14.02 -7.96 -5.70
C09 A1EKC F . 13.27 -8.74 -4.90
F12 A1EKC F . 11.94 -11.12 -7.20
O17 A1EKC F . 13.47 -6.68 -11.42
O18 A1EKC F . 13.55 -7.74 -13.35
H101 A1EKC F . 12.04 -10.27 -4.85
H151 A1EKC F . 13.42 -10.04 -12.88
H152 A1EKC F . 12.95 -10.84 -11.59
H013 A1EKC F . 10.57 -9.10 -10.03
H012 A1EKC F . 11.13 -9.86 -8.86
H011 A1EKC F . 11.26 -10.43 -10.25
H021 A1EKC F . 12.45 -8.00 -9.70
H031 A1EKC F . 13.87 -10.29 -9.25
H061 A1EKC F . 14.89 -5.83 -8.32
H081 A1EKC F . 14.49 -7.24 -5.35
H091 A1EKC F . 13.20 -8.53 -4.02
C10 A1EKC G . 4.10 -8.99 5.56
C11 A1EKC G . 2.87 -8.61 5.92
C14 A1EKC G . -1.66 -9.32 7.27
C13 A1EKC G . 2.14 -9.35 6.81
C15 A1EKC G . -2.13 -8.18 7.53
C16 A1EKC G . -2.44 -10.53 7.70
C01 A1EKC G . -0.30 -8.54 5.24
C02 A1EKC G . -0.35 -9.46 6.51
C03 A1EKC G . 0.79 -9.09 7.39
O04 A1EKC G . 0.73 -9.92 8.58
B05 A1EKC G . 1.59 -11.01 8.28
O06 A1EKC G . 0.92 -12.16 8.06
C07 A1EKC G . 2.65 -10.44 7.33
C08 A1EKC G . 3.94 -10.85 6.96
C09 A1EKC G . 4.65 -10.11 6.07
F12 A1EKC G . 2.26 -7.51 5.45
O17 A1EKC G . -1.87 -11.59 7.60
O18 A1EKC G . -3.57 -10.38 8.15
H101 A1EKC G . 4.56 -8.49 4.95
H151 A1EKC G . -2.92 -8.11 7.99
H152 A1EKC G . -1.67 -7.43 7.27
H013 A1EKC G . -1.03 -8.74 4.70
H012 A1EKC G . 0.49 -8.71 4.78
H011 A1EKC G . -0.35 -7.65 5.49
H021 A1EKC G . -0.27 -10.34 6.25
H031 A1EKC G . 0.73 -8.19 7.61
H061 A1EKC G . 1.41 -12.78 8.26
H081 A1EKC G . 4.31 -11.61 7.31
H091 A1EKC G . 5.48 -10.37 5.81
C10 A1EKC H . -19.65 -3.39 -13.64
C11 A1EKC H . -19.61 -4.71 -13.26
C14 A1EKC H . -20.70 -8.20 -10.33
C13 A1EKC H . -20.73 -5.26 -12.68
C15 A1EKC H . -20.12 -9.22 -10.80
C16 A1EKC H . -21.70 -8.36 -9.20
C01 A1EKC H . -18.84 -6.66 -10.95
C02 A1EKC H . -20.37 -6.82 -10.84
C03 A1EKC H . -21.00 -6.65 -12.17
O04 A1EKC H . -22.41 -6.76 -12.01
B05 A1EKC H . -22.91 -5.46 -11.80
O06 A1EKC H . -23.42 -5.26 -10.54
C07 A1EKC H . -21.86 -4.57 -12.53
C08 A1EKC H . -21.91 -3.23 -12.88
C09 A1EKC H . -20.79 -2.66 -13.46
F12 A1EKC H . -18.53 -5.51 -13.42
O17 A1EKC H . -22.33 -7.37 -8.79
O18 A1EKC H . -21.83 -9.50 -8.68
H101 A1EKC H . -18.92 -3.00 -14.05
H151 A1EKC H . -20.32 -10.06 -10.48
H152 A1EKC H . -19.51 -9.13 -11.49
H013 A1EKC H . -18.44 -7.11 -10.23
H012 A1EKC H . -18.62 -5.75 -10.90
H011 A1EKC H . -18.53 -7.00 -11.75
H021 A1EKC H . -20.73 -6.20 -10.26
H031 A1EKC H . -20.69 -7.29 -12.76
H061 A1EKC H . -23.75 -4.53 -10.50
H081 A1EKC H . -22.69 -2.74 -12.74
H091 A1EKC H . -20.83 -1.77 -13.72
#